data_1XTC
#
_entry.id   1XTC
#
_cell.length_a   73.000
_cell.length_b   92.200
_cell.length_c   60.600
_cell.angle_alpha   90.00
_cell.angle_beta   106.40
_cell.angle_gamma   90.00
#
_symmetry.space_group_name_H-M   'P 1 21 1'
#
loop_
_entity.id
_entity.type
_entity.pdbx_description
1 polymer 'CHOLERA TOXIN'
2 polymer 'CHOLERA TOXIN'
3 polymer 'CHOLERA TOXIN'
4 water water
#
loop_
_entity_poly.entity_id
_entity_poly.type
_entity_poly.pdbx_seq_one_letter_code
_entity_poly.pdbx_strand_id
1 'polypeptide(L)'
;NDDKLYRADSRPPDEIKQSGGLMPRGQSEYFDRGTQMNINLYDHARGTQTGFVRHDDGYVSTSISLRSAHLVGQTILSGH
STYYLYVLATAPNMFNVNDVLGAYSPHPDEQEVSALGGIPYSQIYGWYRVHFGVLDEQLHRNRGYRDRYYSNLDIAPAAD
GYGLAGFPPEHRAWREEPWIHHAPPGCGNAPRSS
;
A
2 'polypeptide(L)' MSNTCDEKTQSLGVKFLDEYQSKVKRQIFSGYQSDIDTHNRIKDEL C
3 'polypeptide(L)'
;TPQNITDLCAEYHNTQIYTLNDKIFSYTESLAGKREMAIITFKNGAIFQVEVPSSQHIDSQKKAIERMKDTLRIAYLTEA
KVEKLCTWNNKTPHAIAAISMAN
;
D,E,F,G,H
#
# COMPACT_ATOMS: atom_id res chain seq x y z
N ASN A 1 17.99 -14.64 2.15
CA ASN A 1 18.83 -14.09 3.21
C ASN A 1 19.05 -12.59 3.00
N ASP A 2 19.91 -12.09 3.89
CA ASP A 2 20.29 -10.70 3.98
C ASP A 2 21.45 -10.32 3.09
N ASP A 3 21.67 -11.04 2.02
CA ASP A 3 22.67 -10.79 0.98
C ASP A 3 22.37 -9.45 0.25
N LYS A 4 23.42 -8.76 -0.11
CA LYS A 4 23.42 -7.50 -0.86
C LYS A 4 24.27 -7.68 -2.12
N LEU A 5 23.94 -7.00 -3.18
CA LEU A 5 24.62 -7.02 -4.47
C LEU A 5 25.03 -5.57 -4.77
N TYR A 6 25.80 -5.38 -5.82
CA TYR A 6 26.35 -4.06 -6.17
C TYR A 6 26.20 -3.64 -7.59
N ARG A 7 26.10 -2.32 -7.82
CA ARG A 7 26.03 -1.79 -9.20
C ARG A 7 26.48 -0.35 -9.28
N ALA A 8 27.61 -0.14 -9.95
CA ALA A 8 28.13 1.23 -10.13
C ALA A 8 27.42 1.89 -11.29
N ASP A 9 26.50 2.76 -10.83
CA ASP A 9 25.62 3.54 -11.71
C ASP A 9 25.97 5.03 -11.48
N SER A 10 25.75 5.79 -12.53
CA SER A 10 26.02 7.23 -12.56
C SER A 10 24.70 7.96 -12.23
N ARG A 11 23.68 7.59 -12.98
CA ARG A 11 22.32 8.12 -12.78
C ARG A 11 22.16 8.39 -11.26
N PRO A 12 21.64 9.57 -10.99
CA PRO A 12 21.42 10.08 -9.65
C PRO A 12 20.36 9.31 -8.88
N PRO A 13 20.38 9.22 -7.54
CA PRO A 13 19.44 8.54 -6.65
C PRO A 13 18.02 9.05 -6.79
N ASP A 14 17.46 10.32 -6.82
CA ASP A 14 16.56 11.38 -7.23
C ASP A 14 15.94 11.21 -8.60
N GLU A 15 16.84 10.98 -9.66
CA GLU A 15 16.34 10.38 -10.92
C GLU A 15 16.11 8.88 -10.67
N ILE A 16 16.63 7.77 -9.96
CA ILE A 16 16.18 6.43 -9.57
C ILE A 16 14.82 6.50 -8.92
N LYS A 17 14.48 7.13 -7.94
CA LYS A 17 13.18 7.26 -7.17
C LYS A 17 12.16 7.50 -8.31
N GLN A 18 12.47 8.41 -9.19
CA GLN A 18 11.70 8.92 -10.31
C GLN A 18 11.42 7.85 -11.37
N SER A 19 12.57 7.15 -11.43
CA SER A 19 12.54 6.03 -12.37
C SER A 19 11.77 4.82 -11.87
N GLY A 20 11.74 4.54 -10.39
CA GLY A 20 11.19 3.39 -9.65
C GLY A 20 12.30 2.42 -9.29
N GLY A 21 13.51 2.83 -9.67
CA GLY A 21 14.73 2.04 -9.44
C GLY A 21 15.68 2.11 -10.64
N LEU A 22 16.52 1.07 -10.68
CA LEU A 22 17.55 0.95 -11.72
C LEU A 22 16.98 0.16 -12.90
N MET A 23 16.92 0.83 -14.05
CA MET A 23 16.37 0.21 -15.25
C MET A 23 17.42 -0.19 -16.31
N PRO A 24 17.00 -1.23 -17.03
CA PRO A 24 17.69 -1.62 -18.28
C PRO A 24 17.52 -0.41 -19.23
N ARG A 25 18.15 -0.56 -20.38
CA ARG A 25 18.19 0.50 -21.41
C ARG A 25 16.89 0.55 -22.19
N GLY A 26 16.23 1.71 -22.11
CA GLY A 26 14.98 1.94 -22.83
C GLY A 26 13.73 1.75 -22.00
N GLN A 27 13.90 1.74 -20.72
CA GLN A 27 12.78 1.61 -19.74
C GLN A 27 12.95 2.90 -18.92
N SER A 28 11.86 3.53 -18.54
CA SER A 28 12.00 4.80 -17.80
C SER A 28 11.26 4.77 -16.49
N GLU A 29 10.12 4.13 -16.52
CA GLU A 29 9.30 3.89 -15.31
C GLU A 29 9.23 2.36 -15.15
N TYR A 30 9.47 1.88 -13.95
CA TYR A 30 9.49 0.47 -13.62
C TYR A 30 8.24 -0.32 -13.88
N PHE A 31 7.09 0.30 -14.02
CA PHE A 31 5.80 -0.41 -14.13
C PHE A 31 5.15 -0.43 -15.47
N ASP A 32 5.88 -0.29 -16.56
CA ASP A 32 5.27 -0.37 -17.91
C ASP A 32 5.14 -1.80 -18.42
N ARG A 33 3.92 -2.30 -18.51
CA ARG A 33 3.74 -3.69 -19.02
C ARG A 33 3.69 -3.63 -20.54
N GLY A 34 3.37 -2.41 -20.95
CA GLY A 34 3.23 -1.93 -22.31
C GLY A 34 4.24 -0.76 -22.47
N THR A 35 5.45 -1.21 -22.60
CA THR A 35 6.70 -0.49 -22.79
C THR A 35 7.69 -1.69 -22.70
N GLN A 36 7.68 -2.38 -23.84
CA GLN A 36 8.45 -3.65 -23.80
C GLN A 36 9.81 -3.55 -24.45
N MET A 37 10.76 -4.12 -23.70
CA MET A 37 12.15 -4.21 -24.23
C MET A 37 12.30 -5.72 -24.61
N ASN A 38 13.45 -5.93 -25.23
CA ASN A 38 13.90 -7.30 -25.48
C ASN A 38 14.34 -7.85 -24.10
N ILE A 39 13.81 -9.00 -23.79
CA ILE A 39 14.17 -9.71 -22.56
C ILE A 39 14.93 -10.99 -22.93
N ASN A 40 16.25 -10.83 -22.78
CA ASN A 40 17.20 -11.89 -23.17
C ASN A 40 18.48 -11.79 -22.34
N LEU A 41 18.80 -12.89 -21.70
CA LEU A 41 20.02 -13.06 -20.85
C LEU A 41 21.29 -13.29 -21.70
N TYR A 42 21.15 -14.22 -22.67
CA TYR A 42 22.18 -14.54 -23.64
C TYR A 42 22.73 -13.30 -24.29
N ASP A 43 21.86 -12.52 -24.90
CA ASP A 43 22.23 -11.22 -25.51
C ASP A 43 22.72 -10.28 -24.43
N HIS A 44 21.91 -10.20 -23.37
CA HIS A 44 22.34 -9.36 -22.21
C HIS A 44 23.79 -9.60 -21.86
N ALA A 45 24.12 -10.84 -21.53
CA ALA A 45 25.41 -11.36 -21.08
C ALA A 45 26.60 -10.92 -21.90
N ARG A 46 26.39 -10.68 -23.18
CA ARG A 46 27.38 -10.39 -24.16
C ARG A 46 27.31 -9.06 -24.87
N GLY A 47 26.70 -8.07 -24.23
CA GLY A 47 26.70 -6.67 -24.77
C GLY A 47 28.09 -6.15 -24.40
N THR A 48 28.60 -5.19 -25.15
CA THR A 48 29.97 -4.77 -25.01
C THR A 48 30.33 -3.73 -23.99
N GLN A 49 29.56 -2.70 -23.74
CA GLN A 49 29.89 -1.72 -22.70
C GLN A 49 30.49 -0.43 -23.20
N THR A 50 29.60 0.47 -23.59
CA THR A 50 29.89 1.80 -24.14
C THR A 50 30.18 2.77 -23.03
N GLY A 51 29.27 2.97 -22.09
CA GLY A 51 29.55 3.85 -20.92
C GLY A 51 28.65 3.44 -19.76
N PHE A 52 28.51 2.15 -19.56
CA PHE A 52 27.57 1.63 -18.54
C PHE A 52 27.87 0.11 -18.34
N VAL A 53 27.91 -0.25 -17.08
CA VAL A 53 27.95 -1.71 -16.75
C VAL A 53 26.65 -2.28 -17.38
N ARG A 54 26.75 -3.43 -17.97
CA ARG A 54 25.72 -4.13 -18.70
C ARG A 54 24.31 -3.97 -18.17
N HIS A 55 23.45 -3.35 -18.99
CA HIS A 55 22.06 -3.02 -18.68
C HIS A 55 21.15 -3.05 -19.90
N ASP A 56 21.50 -3.92 -20.84
CA ASP A 56 20.77 -4.10 -22.09
C ASP A 56 19.89 -5.34 -21.99
N ASP A 57 19.18 -5.63 -23.05
CA ASP A 57 18.24 -6.71 -23.22
C ASP A 57 17.48 -7.18 -21.98
N GLY A 58 16.73 -6.30 -21.36
CA GLY A 58 15.83 -6.46 -20.27
C GLY A 58 16.28 -6.82 -18.89
N TYR A 59 17.55 -6.65 -18.57
CA TYR A 59 18.19 -6.97 -17.30
C TYR A 59 19.19 -5.85 -16.96
N VAL A 60 19.47 -5.84 -15.68
CA VAL A 60 20.47 -4.85 -15.12
C VAL A 60 21.45 -5.74 -14.35
N SER A 61 22.74 -5.51 -14.56
CA SER A 61 23.74 -6.41 -13.96
C SER A 61 24.19 -5.87 -12.63
N THR A 62 24.43 -6.79 -11.71
CA THR A 62 24.98 -6.47 -10.38
C THR A 62 26.33 -7.23 -10.28
N SER A 63 27.08 -6.88 -9.29
CA SER A 63 28.31 -7.51 -8.86
C SER A 63 28.05 -7.90 -7.38
N ILE A 64 28.48 -9.06 -7.03
CA ILE A 64 28.35 -9.64 -5.70
C ILE A 64 29.29 -9.21 -4.62
N SER A 65 29.96 -8.03 -4.68
CA SER A 65 30.85 -7.66 -3.59
C SER A 65 31.47 -6.31 -3.47
N LEU A 66 31.16 -5.27 -4.21
CA LEU A 66 31.70 -3.90 -3.99
C LEU A 66 33.03 -3.67 -4.66
N ARG A 67 34.10 -3.95 -3.92
CA ARG A 67 35.46 -3.80 -4.48
C ARG A 67 35.35 -4.09 -6.00
N SER A 68 34.73 -5.25 -6.19
CA SER A 68 34.44 -5.80 -7.51
C SER A 68 33.65 -4.78 -8.34
N ALA A 69 32.48 -4.48 -7.79
CA ALA A 69 31.54 -3.58 -8.45
C ALA A 69 32.19 -2.22 -8.73
N HIS A 70 33.16 -1.87 -7.93
CA HIS A 70 33.84 -0.56 -8.02
C HIS A 70 34.98 -0.61 -9.01
N LEU A 71 35.65 -1.74 -9.05
CA LEU A 71 36.75 -2.06 -9.98
C LEU A 71 36.18 -1.98 -11.40
N VAL A 72 35.03 -2.56 -11.57
CA VAL A 72 34.29 -2.67 -12.82
C VAL A 72 33.68 -1.38 -13.34
N GLY A 73 33.54 -0.37 -12.53
CA GLY A 73 32.87 0.87 -12.94
C GLY A 73 33.82 2.05 -13.10
N GLN A 74 34.94 1.97 -12.38
CA GLN A 74 35.95 3.06 -12.46
C GLN A 74 37.02 2.59 -13.47
N THR A 75 36.54 1.68 -14.26
CA THR A 75 37.14 0.97 -15.39
C THR A 75 36.30 1.37 -16.63
N ILE A 76 35.02 1.49 -16.33
CA ILE A 76 33.95 1.99 -17.18
C ILE A 76 33.71 3.47 -16.84
N LEU A 77 32.58 3.74 -16.23
CA LEU A 77 32.12 5.04 -15.82
C LEU A 77 33.30 5.96 -15.43
N SER A 78 34.50 5.50 -15.75
CA SER A 78 35.67 6.41 -15.53
C SER A 78 35.43 7.53 -16.57
N GLY A 79 35.68 8.72 -16.11
CA GLY A 79 35.46 9.93 -16.95
C GLY A 79 34.57 10.84 -16.07
N HIS A 80 33.87 10.13 -15.22
CA HIS A 80 32.99 10.84 -14.25
C HIS A 80 33.72 10.73 -12.91
N SER A 81 33.82 11.84 -12.19
CA SER A 81 34.40 11.76 -10.83
C SER A 81 33.27 11.24 -9.93
N THR A 82 32.07 11.70 -10.33
CA THR A 82 30.87 11.36 -9.59
C THR A 82 30.21 10.16 -10.24
N TYR A 83 29.75 9.33 -9.34
CA TYR A 83 28.94 8.14 -9.58
C TYR A 83 28.58 7.59 -8.21
N TYR A 84 27.62 6.70 -8.16
CA TYR A 84 27.19 6.04 -6.91
C TYR A 84 27.35 4.52 -7.10
N LEU A 85 27.45 3.86 -5.95
CA LEU A 85 27.41 2.40 -5.86
C LEU A 85 26.22 2.06 -4.94
N TYR A 86 25.24 1.44 -5.55
CA TYR A 86 24.01 1.03 -4.89
C TYR A 86 24.17 -0.40 -4.34
N VAL A 87 23.89 -0.50 -3.06
CA VAL A 87 23.81 -1.77 -2.31
C VAL A 87 22.44 -2.39 -2.58
N LEU A 88 22.36 -3.66 -2.97
CA LEU A 88 21.08 -4.23 -3.35
C LEU A 88 20.71 -5.57 -2.76
N ALA A 89 19.77 -5.55 -1.82
CA ALA A 89 19.10 -6.74 -1.30
C ALA A 89 18.94 -7.74 -2.46
N THR A 90 18.83 -9.01 -2.09
CA THR A 90 18.67 -10.10 -3.03
C THR A 90 17.22 -10.59 -3.07
N ALA A 91 16.78 -10.72 -4.32
CA ALA A 91 15.46 -11.21 -4.64
C ALA A 91 15.46 -12.14 -5.83
N PRO A 92 14.39 -12.87 -5.86
CA PRO A 92 14.14 -13.89 -6.87
C PRO A 92 13.90 -13.41 -8.28
N ASN A 93 14.28 -12.18 -8.60
CA ASN A 93 14.20 -11.72 -10.00
C ASN A 93 15.63 -11.58 -10.57
N MET A 94 16.57 -12.09 -9.82
CA MET A 94 18.02 -12.14 -9.93
C MET A 94 18.47 -13.56 -10.41
N PHE A 95 19.09 -13.56 -11.56
CA PHE A 95 19.67 -14.74 -12.23
C PHE A 95 21.21 -14.70 -12.14
N ASN A 96 21.71 -15.87 -11.76
CA ASN A 96 23.22 -16.05 -11.77
C ASN A 96 23.54 -16.52 -13.19
N VAL A 97 24.12 -15.56 -13.92
CA VAL A 97 24.28 -15.67 -15.39
C VAL A 97 24.99 -16.97 -15.76
N ASN A 98 25.99 -17.21 -14.93
CA ASN A 98 26.90 -18.35 -14.96
C ASN A 98 26.13 -19.64 -14.72
N ASP A 99 25.30 -19.62 -13.67
CA ASP A 99 24.47 -20.77 -13.30
C ASP A 99 23.34 -20.94 -14.32
N VAL A 100 23.20 -19.97 -15.20
CA VAL A 100 22.13 -20.08 -16.19
C VAL A 100 22.59 -20.61 -17.54
N LEU A 101 23.64 -20.05 -18.06
CA LEU A 101 24.31 -20.28 -19.31
C LEU A 101 25.37 -21.39 -19.20
N GLY A 102 25.99 -21.45 -18.04
CA GLY A 102 26.96 -22.48 -17.67
C GLY A 102 28.21 -22.34 -18.52
N ALA A 103 28.33 -23.25 -19.45
CA ALA A 103 29.44 -23.28 -20.41
C ALA A 103 29.45 -21.96 -21.22
N TYR A 104 28.26 -21.71 -21.73
CA TYR A 104 27.92 -20.66 -22.65
C TYR A 104 27.85 -19.25 -22.12
N SER A 105 28.53 -19.00 -21.00
CA SER A 105 28.53 -17.68 -20.35
C SER A 105 29.63 -16.84 -20.98
N PRO A 106 29.22 -15.70 -21.51
CA PRO A 106 30.12 -14.80 -22.22
C PRO A 106 31.21 -14.20 -21.37
N HIS A 107 31.19 -14.35 -20.05
CA HIS A 107 32.22 -13.74 -19.21
C HIS A 107 32.36 -14.23 -17.81
N PRO A 108 32.48 -15.52 -17.57
CA PRO A 108 32.53 -16.10 -16.23
C PRO A 108 33.18 -15.22 -15.18
N ASP A 109 34.51 -15.12 -15.21
CA ASP A 109 35.36 -14.44 -14.27
C ASP A 109 34.49 -13.47 -13.39
N GLU A 110 33.90 -12.65 -14.23
CA GLU A 110 33.13 -11.47 -14.07
C GLU A 110 31.91 -11.61 -13.19
N GLN A 111 31.52 -12.85 -12.94
CA GLN A 111 30.39 -13.26 -12.15
C GLN A 111 29.38 -12.18 -11.81
N GLU A 112 28.35 -12.16 -12.65
CA GLU A 112 27.21 -11.24 -12.56
C GLU A 112 25.98 -12.00 -12.02
N VAL A 113 25.18 -11.27 -11.32
CA VAL A 113 23.80 -11.62 -10.92
C VAL A 113 22.97 -10.51 -11.64
N SER A 114 21.89 -10.90 -12.24
CA SER A 114 21.08 -10.02 -13.09
C SER A 114 19.61 -10.00 -12.77
N ALA A 115 19.11 -8.77 -12.66
CA ALA A 115 17.68 -8.54 -12.35
C ALA A 115 16.91 -8.41 -13.67
N LEU A 116 16.03 -9.35 -13.89
CA LEU A 116 15.18 -9.32 -15.13
C LEU A 116 14.22 -8.15 -14.93
N GLY A 117 14.20 -7.22 -15.89
CA GLY A 117 13.35 -6.03 -15.78
C GLY A 117 13.97 -4.86 -15.05
N GLY A 118 14.91 -5.04 -14.16
CA GLY A 118 15.59 -3.92 -13.46
C GLY A 118 15.45 -4.10 -11.95
N ILE A 119 15.94 -3.18 -11.16
CA ILE A 119 15.82 -3.25 -9.70
C ILE A 119 14.96 -2.11 -9.14
N PRO A 120 13.74 -2.44 -8.72
CA PRO A 120 12.83 -1.53 -8.04
C PRO A 120 13.49 -0.88 -6.83
N TYR A 121 13.43 0.44 -6.78
CA TYR A 121 13.84 1.29 -5.68
C TYR A 121 13.79 0.64 -4.30
N SER A 122 12.76 -0.17 -4.10
CA SER A 122 12.57 -0.83 -2.80
C SER A 122 13.71 -1.81 -2.56
N GLN A 123 14.13 -2.48 -3.64
CA GLN A 123 15.30 -3.37 -3.64
C GLN A 123 16.57 -2.63 -3.22
N ILE A 124 16.83 -1.50 -3.84
CA ILE A 124 18.00 -0.69 -3.55
C ILE A 124 18.04 -0.31 -2.08
N TYR A 125 18.95 -0.93 -1.36
CA TYR A 125 19.13 -0.75 0.07
C TYR A 125 19.72 0.57 0.48
N GLY A 126 20.43 1.24 -0.40
CA GLY A 126 21.16 2.49 -0.10
C GLY A 126 22.30 2.60 -1.12
N TRP A 127 23.27 3.46 -0.85
CA TRP A 127 24.40 3.61 -1.78
C TRP A 127 25.61 4.37 -1.24
N TYR A 128 26.68 4.11 -1.99
CA TYR A 128 27.93 4.89 -1.84
C TYR A 128 27.99 6.00 -2.90
N ARG A 129 28.82 6.97 -2.58
CA ARG A 129 29.07 8.12 -3.47
C ARG A 129 30.52 8.00 -3.98
N VAL A 130 30.64 8.04 -5.30
CA VAL A 130 31.95 7.93 -5.96
C VAL A 130 32.43 9.26 -6.53
N HIS A 131 33.42 9.77 -5.81
CA HIS A 131 34.10 11.03 -6.05
C HIS A 131 35.58 10.77 -6.35
N PHE A 132 36.06 11.60 -7.25
CA PHE A 132 37.47 11.61 -7.71
C PHE A 132 38.00 10.18 -7.67
N GLY A 133 37.28 9.34 -8.38
CA GLY A 133 37.53 7.90 -8.50
C GLY A 133 37.36 7.19 -7.16
N VAL A 134 38.22 7.56 -6.24
CA VAL A 134 38.31 7.03 -4.87
C VAL A 134 36.94 6.98 -4.20
N LEU A 135 36.60 5.81 -3.69
CA LEU A 135 35.34 5.55 -3.00
C LEU A 135 35.26 6.31 -1.68
N ASP A 136 34.03 6.67 -1.36
CA ASP A 136 33.66 7.37 -0.11
C ASP A 136 32.77 6.43 0.70
N GLU A 137 33.37 5.85 1.74
CA GLU A 137 32.78 4.82 2.57
C GLU A 137 31.52 5.14 3.33
N GLN A 138 30.97 6.31 3.19
CA GLN A 138 29.78 6.72 3.97
C GLN A 138 28.52 6.26 3.27
N LEU A 139 27.64 5.62 4.03
CA LEU A 139 26.46 4.95 3.51
C LEU A 139 25.18 5.75 3.64
N HIS A 140 24.52 5.85 2.50
CA HIS A 140 23.24 6.57 2.37
C HIS A 140 22.10 5.56 2.36
N ARG A 141 21.57 5.33 3.54
CA ARG A 141 20.47 4.40 3.79
C ARG A 141 19.26 4.75 2.92
N ASN A 142 18.41 3.77 2.63
CA ASN A 142 17.31 4.01 1.71
C ASN A 142 15.93 3.78 2.29
N ARG A 143 15.24 4.92 2.41
CA ARG A 143 13.78 4.82 2.75
C ARG A 143 13.20 4.23 1.45
N GLY A 144 12.30 3.30 1.60
CA GLY A 144 11.75 2.65 0.38
C GLY A 144 12.26 1.21 0.42
N TYR A 145 13.36 1.06 1.16
CA TYR A 145 13.95 -0.27 1.36
C TYR A 145 13.28 -1.03 2.50
N ARG A 146 12.57 -2.08 2.12
CA ARG A 146 11.86 -2.97 3.07
C ARG A 146 12.76 -4.09 3.53
N ASP A 147 13.15 -4.02 4.81
CA ASP A 147 14.03 -5.02 5.42
C ASP A 147 13.36 -6.30 5.82
N ARG A 148 12.25 -6.30 6.54
CA ARG A 148 11.59 -7.57 6.90
C ARG A 148 11.50 -8.50 5.68
N TYR A 149 10.96 -7.92 4.64
CA TYR A 149 10.61 -8.55 3.35
C TYR A 149 11.84 -9.07 2.61
N TYR A 150 12.79 -8.17 2.34
CA TYR A 150 14.03 -8.51 1.65
C TYR A 150 14.98 -9.41 2.39
N SER A 151 15.21 -9.28 3.69
CA SER A 151 16.08 -10.24 4.40
C SER A 151 15.40 -11.60 4.42
N ASN A 152 14.40 -11.84 3.61
CA ASN A 152 13.59 -13.06 3.68
C ASN A 152 13.59 -13.81 2.34
N LEU A 153 14.31 -13.17 1.45
CA LEU A 153 14.24 -13.58 0.02
C LEU A 153 15.64 -13.89 -0.43
N ASP A 154 15.72 -14.74 -1.41
CA ASP A 154 17.01 -14.94 -2.13
C ASP A 154 16.72 -15.12 -3.60
N ILE A 155 17.69 -15.03 -4.43
CA ILE A 155 17.82 -15.07 -5.81
C ILE A 155 17.21 -16.05 -6.73
N ALA A 156 16.19 -16.84 -6.56
CA ALA A 156 15.74 -17.60 -7.76
C ALA A 156 16.76 -18.71 -8.12
N PRO A 157 16.26 -19.92 -8.03
CA PRO A 157 16.99 -21.13 -8.41
C PRO A 157 17.17 -21.05 -9.94
N ALA A 158 18.43 -21.29 -10.33
CA ALA A 158 18.89 -21.17 -11.70
C ALA A 158 17.96 -21.80 -12.70
N ALA A 159 17.32 -22.86 -12.30
CA ALA A 159 16.43 -23.68 -13.12
C ALA A 159 15.18 -22.90 -13.51
N ASP A 160 15.07 -21.76 -12.88
CA ASP A 160 13.92 -20.86 -13.16
C ASP A 160 14.27 -20.15 -14.48
N GLY A 161 15.57 -19.99 -14.62
CA GLY A 161 16.24 -19.32 -15.70
C GLY A 161 16.53 -20.11 -16.94
N TYR A 162 16.36 -21.43 -16.97
CA TYR A 162 16.72 -22.27 -18.09
C TYR A 162 15.86 -21.99 -19.30
N GLY A 163 14.63 -21.58 -19.08
CA GLY A 163 13.63 -21.31 -20.12
C GLY A 163 13.79 -19.95 -20.81
N LEU A 164 14.42 -19.03 -20.13
CA LEU A 164 14.76 -17.66 -20.39
C LEU A 164 16.13 -17.40 -21.04
N ALA A 165 17.01 -18.36 -20.97
CA ALA A 165 18.41 -18.36 -21.37
C ALA A 165 18.73 -17.59 -22.63
N GLY A 166 17.94 -17.84 -23.64
CA GLY A 166 17.86 -17.25 -24.93
C GLY A 166 18.85 -17.57 -26.00
N PHE A 167 19.23 -18.82 -26.14
CA PHE A 167 20.18 -19.26 -27.18
C PHE A 167 19.42 -19.24 -28.52
N PRO A 168 20.17 -18.92 -29.56
CA PRO A 168 19.59 -18.94 -30.92
C PRO A 168 18.90 -20.27 -31.09
N PRO A 169 17.89 -20.25 -31.96
CA PRO A 169 17.02 -21.41 -32.16
C PRO A 169 17.70 -22.72 -32.46
N GLU A 170 18.81 -22.72 -33.17
CA GLU A 170 19.54 -23.95 -33.54
C GLU A 170 20.89 -24.08 -32.83
N HIS A 171 20.98 -23.59 -31.64
CA HIS A 171 22.18 -23.61 -30.76
C HIS A 171 22.22 -24.91 -29.97
N ARG A 172 23.42 -25.41 -29.69
CA ARG A 172 23.62 -26.76 -29.14
C ARG A 172 22.93 -27.12 -27.85
N ALA A 173 22.93 -26.22 -26.91
CA ALA A 173 22.36 -26.17 -25.60
C ALA A 173 20.91 -26.61 -25.49
N TRP A 174 20.13 -26.23 -26.49
CA TRP A 174 18.68 -26.47 -26.53
C TRP A 174 18.39 -27.97 -26.64
N ARG A 175 19.44 -28.70 -26.99
CA ARG A 175 19.33 -30.15 -27.15
C ARG A 175 20.22 -30.93 -26.21
N GLU A 176 20.85 -30.24 -25.28
CA GLU A 176 21.68 -30.74 -24.21
C GLU A 176 20.92 -30.59 -22.87
N GLU A 177 21.53 -31.13 -21.83
CA GLU A 177 20.95 -31.02 -20.46
C GLU A 177 21.65 -29.80 -19.84
N PRO A 178 20.99 -28.93 -19.10
CA PRO A 178 19.60 -29.00 -18.66
C PRO A 178 18.56 -28.38 -19.57
N TRP A 179 19.00 -27.61 -20.55
CA TRP A 179 18.10 -26.81 -21.39
C TRP A 179 16.99 -27.57 -22.05
N ILE A 180 17.28 -28.74 -22.53
CA ILE A 180 16.43 -29.65 -23.28
C ILE A 180 15.11 -29.97 -22.64
N HIS A 181 14.97 -29.78 -21.35
CA HIS A 181 13.75 -30.12 -20.61
C HIS A 181 13.05 -28.84 -20.13
N HIS A 182 13.68 -27.73 -20.50
CA HIS A 182 13.20 -26.40 -20.14
C HIS A 182 12.95 -25.51 -21.34
N ALA A 183 13.47 -25.85 -22.50
CA ALA A 183 13.47 -25.12 -23.73
C ALA A 183 12.12 -24.70 -24.27
N PRO A 184 11.96 -23.39 -24.37
CA PRO A 184 10.71 -22.81 -24.93
C PRO A 184 10.38 -23.56 -26.22
N PRO A 185 9.21 -23.27 -26.74
CA PRO A 185 8.74 -23.93 -27.98
C PRO A 185 9.54 -23.38 -29.16
N GLY A 186 9.75 -24.26 -30.11
CA GLY A 186 10.42 -23.93 -31.36
C GLY A 186 11.90 -23.66 -31.10
N CYS A 187 12.25 -23.85 -29.84
CA CYS A 187 13.63 -23.64 -29.38
C CYS A 187 14.43 -24.94 -29.52
N GLY A 188 15.37 -24.86 -30.45
CA GLY A 188 16.22 -26.01 -30.82
C GLY A 188 15.24 -27.18 -31.10
N ASN A 189 14.70 -27.64 -29.97
CA ASN A 189 13.70 -28.66 -29.95
C ASN A 189 14.15 -30.09 -29.68
N ALA A 190 13.24 -30.95 -30.14
CA ALA A 190 13.32 -32.39 -30.05
C ALA A 190 14.06 -32.93 -31.29
N PRO A 191 13.73 -32.26 -32.39
CA PRO A 191 14.27 -32.59 -33.71
C PRO A 191 15.36 -31.61 -34.13
N ARG A 192 16.02 -32.00 -35.21
CA ARG A 192 17.07 -31.34 -35.93
C ARG A 192 18.00 -32.37 -36.57
N SER B 2 12.51 -21.09 -34.75
CA SER B 2 12.60 -19.95 -35.67
C SER B 2 12.01 -18.70 -35.02
N ASN B 3 10.94 -18.21 -35.62
CA ASN B 3 10.16 -17.09 -35.06
C ASN B 3 9.63 -17.52 -33.69
N THR B 4 9.11 -18.75 -33.69
CA THR B 4 8.46 -19.32 -32.50
C THR B 4 9.39 -19.25 -31.30
N CYS B 5 10.62 -19.72 -31.48
CA CYS B 5 11.60 -19.72 -30.38
C CYS B 5 11.95 -18.31 -29.86
N ASP B 6 12.35 -17.47 -30.80
CA ASP B 6 12.76 -16.08 -30.51
C ASP B 6 11.61 -15.32 -29.85
N GLU B 7 10.45 -15.54 -30.43
CA GLU B 7 9.15 -15.03 -29.95
C GLU B 7 8.82 -15.57 -28.54
N LYS B 8 8.91 -16.89 -28.46
CA LYS B 8 8.54 -17.73 -27.28
C LYS B 8 9.29 -17.32 -25.99
N THR B 9 10.55 -16.96 -26.14
CA THR B 9 11.39 -16.48 -25.02
C THR B 9 10.76 -15.25 -24.33
N GLN B 10 10.36 -14.33 -25.19
CA GLN B 10 9.66 -13.09 -24.86
C GLN B 10 8.31 -13.37 -24.20
N SER B 11 7.55 -14.26 -24.80
CA SER B 11 6.24 -14.56 -24.26
C SER B 11 6.51 -14.83 -22.79
N LEU B 12 7.52 -15.68 -22.65
CA LEU B 12 8.06 -16.19 -21.39
C LEU B 12 8.68 -15.13 -20.42
N GLY B 13 9.57 -14.30 -20.96
CA GLY B 13 10.27 -13.21 -20.22
C GLY B 13 9.30 -12.15 -19.67
N VAL B 14 8.37 -11.75 -20.53
CA VAL B 14 7.30 -10.79 -20.19
C VAL B 14 6.41 -11.34 -19.06
N LYS B 15 6.03 -12.58 -19.27
CA LYS B 15 5.19 -13.33 -18.34
C LYS B 15 5.88 -13.31 -16.98
N PHE B 16 7.16 -13.66 -17.00
CA PHE B 16 7.95 -13.71 -15.77
C PHE B 16 7.94 -12.33 -15.08
N LEU B 17 8.28 -11.31 -15.86
CA LEU B 17 8.37 -9.91 -15.36
C LEU B 17 7.02 -9.44 -14.77
N ASP B 18 5.93 -9.80 -15.41
CA ASP B 18 4.57 -9.40 -14.98
C ASP B 18 4.20 -9.86 -13.54
N GLU B 19 4.34 -11.17 -13.28
CA GLU B 19 4.04 -11.79 -11.94
C GLU B 19 4.91 -11.18 -10.83
N TYR B 20 6.17 -10.97 -11.11
CA TYR B 20 7.10 -10.32 -10.16
C TYR B 20 6.62 -8.87 -9.84
N GLN B 21 6.23 -8.15 -10.88
CA GLN B 21 5.71 -6.79 -10.71
C GLN B 21 4.53 -6.87 -9.70
N SER B 22 3.65 -7.89 -9.87
CA SER B 22 2.52 -8.15 -8.93
C SER B 22 3.03 -8.41 -7.48
N LYS B 23 4.03 -9.23 -7.19
CA LYS B 23 4.46 -9.23 -5.77
C LYS B 23 4.97 -7.78 -5.32
N VAL B 24 5.84 -7.03 -6.11
CA VAL B 24 6.39 -5.67 -5.63
C VAL B 24 5.28 -4.66 -5.32
N LYS B 25 4.41 -4.52 -6.29
CA LYS B 25 3.28 -3.62 -6.19
C LYS B 25 2.45 -3.99 -4.98
N ARG B 26 2.17 -5.28 -4.89
CA ARG B 26 1.34 -5.79 -3.82
C ARG B 26 1.90 -5.42 -2.45
N GLN B 27 3.18 -5.66 -2.26
CA GLN B 27 3.92 -5.30 -1.01
C GLN B 27 4.10 -3.76 -0.81
N ILE B 28 4.56 -3.03 -1.83
CA ILE B 28 4.64 -1.55 -1.71
C ILE B 28 3.19 -0.99 -1.58
N PHE B 29 2.31 -1.41 -2.50
CA PHE B 29 0.88 -0.94 -2.57
C PHE B 29 0.00 -1.31 -1.35
N SER B 30 0.05 -2.55 -0.92
CA SER B 30 -0.72 -3.02 0.26
C SER B 30 -0.38 -2.17 1.52
N GLY B 31 0.94 -1.97 1.68
CA GLY B 31 1.58 -1.24 2.82
C GLY B 31 1.13 0.23 2.99
N TYR B 32 1.17 0.96 1.89
CA TYR B 32 0.74 2.36 1.90
C TYR B 32 -0.72 2.39 2.39
N GLN B 33 -1.55 1.53 1.73
CA GLN B 33 -3.01 1.50 2.02
C GLN B 33 -3.25 0.85 3.39
N SER B 34 -2.22 0.21 3.91
CA SER B 34 -2.25 -0.38 5.26
C SER B 34 -3.08 0.49 6.17
N ASP B 35 -2.56 1.14 7.12
CA ASP B 35 -3.58 1.63 7.99
C ASP B 35 -4.33 2.84 7.45
N ILE B 36 -4.08 3.21 6.21
CA ILE B 36 -4.95 4.25 5.62
C ILE B 36 -6.32 3.60 5.48
N ASP B 37 -6.27 2.44 4.86
CA ASP B 37 -7.45 1.62 4.61
C ASP B 37 -8.09 1.21 5.94
N THR B 38 -7.45 1.57 7.04
CA THR B 38 -8.07 1.26 8.33
C THR B 38 -8.92 2.46 8.76
N HIS B 39 -8.42 3.66 8.48
CA HIS B 39 -9.21 4.88 8.77
C HIS B 39 -10.43 4.80 7.88
N ASN B 40 -10.27 4.01 6.87
CA ASN B 40 -11.30 3.83 5.89
C ASN B 40 -12.47 3.05 6.53
N ARG B 41 -12.21 2.15 7.50
CA ARG B 41 -13.31 1.27 7.97
C ARG B 41 -14.27 1.76 9.11
N ILE B 42 -13.96 1.67 10.42
CA ILE B 42 -15.05 2.04 11.39
C ILE B 42 -15.32 3.55 11.47
N LYS B 43 -14.32 4.38 11.26
CA LYS B 43 -14.62 5.80 11.23
C LYS B 43 -15.59 6.00 10.08
N ASP B 44 -15.47 5.10 9.12
CA ASP B 44 -16.27 5.16 7.90
C ASP B 44 -17.64 4.48 8.03
N GLU B 45 -17.86 3.57 8.96
CA GLU B 45 -19.22 2.99 9.03
C GLU B 45 -19.76 2.99 10.46
N LEU B 46 -19.52 4.20 11.10
CA LEU B 46 -20.12 4.68 12.34
C LEU B 46 -19.23 5.66 13.09
N THR C 1 1.19 27.78 19.94
CA THR C 1 0.99 26.34 19.79
C THR C 1 2.38 25.66 19.83
N PRO C 2 2.33 24.47 20.43
CA PRO C 2 3.54 23.61 20.44
C PRO C 2 3.93 23.54 18.95
N GLN C 3 5.11 24.00 18.61
CA GLN C 3 5.51 24.03 17.16
C GLN C 3 6.44 22.83 16.93
N ASN C 4 6.28 21.87 17.85
CA ASN C 4 7.06 20.64 17.91
C ASN C 4 6.68 19.81 19.14
N ILE C 5 7.04 18.55 19.05
CA ILE C 5 6.77 17.50 20.03
C ILE C 5 7.33 17.79 21.40
N THR C 6 8.56 18.24 21.47
CA THR C 6 9.32 18.63 22.66
C THR C 6 8.55 19.64 23.51
N ASP C 7 8.21 20.78 22.89
CA ASP C 7 7.29 21.76 23.53
C ASP C 7 6.07 20.91 24.01
N LEU C 8 5.18 20.80 23.03
CA LEU C 8 3.94 20.09 23.14
C LEU C 8 3.86 19.28 24.42
N CYS C 9 4.69 18.26 24.51
CA CYS C 9 4.75 17.31 25.60
C CYS C 9 4.79 17.92 26.99
N ALA C 10 5.67 18.86 27.21
CA ALA C 10 5.88 19.51 28.50
C ALA C 10 4.72 20.45 28.87
N GLU C 11 3.87 20.65 27.87
CA GLU C 11 2.64 21.45 28.01
C GLU C 11 1.85 20.75 29.16
N TYR C 12 1.92 19.45 29.04
CA TYR C 12 1.35 18.54 30.03
C TYR C 12 2.40 18.25 31.12
N HIS C 13 1.98 17.38 32.01
CA HIS C 13 2.71 16.88 33.17
C HIS C 13 2.24 15.48 33.43
N ASN C 14 3.05 14.66 34.06
CA ASN C 14 2.70 13.21 34.19
C ASN C 14 3.28 12.56 32.90
N THR C 15 4.12 13.31 32.24
CA THR C 15 4.74 12.91 30.98
C THR C 15 6.26 13.00 31.06
N GLN C 16 6.85 12.63 29.95
CA GLN C 16 8.30 12.53 29.69
C GLN C 16 8.41 12.06 28.21
N ILE C 17 9.30 12.73 27.55
CA ILE C 17 9.64 12.51 26.14
C ILE C 17 10.93 11.70 26.02
N TYR C 18 10.83 10.60 25.32
CA TYR C 18 11.80 9.59 24.94
C TYR C 18 12.23 9.75 23.47
N THR C 19 13.49 9.92 23.19
CA THR C 19 13.96 9.91 21.76
C THR C 19 14.27 8.43 21.41
N LEU C 20 13.38 7.78 20.71
CA LEU C 20 13.47 6.34 20.41
C LEU C 20 14.43 6.08 19.24
N ASN C 21 14.40 7.03 18.33
CA ASN C 21 15.10 7.09 17.08
C ASN C 21 15.21 5.74 16.39
N ASP C 22 14.09 5.03 16.34
CA ASP C 22 14.12 3.70 15.72
C ASP C 22 12.77 3.23 15.22
N LYS C 23 12.83 2.22 14.36
CA LYS C 23 11.70 1.51 13.80
C LYS C 23 11.19 0.48 14.80
N ILE C 24 9.95 0.08 14.58
CA ILE C 24 9.19 -0.74 15.51
C ILE C 24 9.31 -2.22 15.19
N PHE C 25 9.80 -2.87 16.23
CA PHE C 25 10.10 -4.27 16.36
C PHE C 25 8.88 -5.16 16.36
N SER C 26 7.90 -4.77 17.14
CA SER C 26 6.63 -5.54 17.29
C SER C 26 5.41 -4.63 17.38
N TYR C 27 4.25 -5.27 17.34
CA TYR C 27 2.91 -4.66 17.43
C TYR C 27 1.91 -5.70 17.93
N THR C 28 1.22 -5.32 19.00
CA THR C 28 0.13 -6.20 19.52
C THR C 28 -1.15 -5.30 19.47
N GLU C 29 -2.20 -5.95 19.05
CA GLU C 29 -3.54 -5.37 18.98
C GLU C 29 -4.55 -6.25 19.71
N SER C 30 -5.08 -5.71 20.81
CA SER C 30 -6.08 -6.50 21.56
C SER C 30 -7.50 -6.26 21.11
N LEU C 31 -8.35 -7.19 21.45
CA LEU C 31 -9.79 -7.19 21.07
C LEU C 31 -10.55 -7.70 22.31
N ALA C 32 -9.70 -8.17 23.24
CA ALA C 32 -10.23 -8.68 24.53
C ALA C 32 -11.07 -7.58 25.14
N GLY C 33 -12.22 -7.98 25.63
CA GLY C 33 -13.17 -6.99 26.21
C GLY C 33 -12.66 -6.49 27.57
N LYS C 34 -12.38 -5.22 27.58
CA LYS C 34 -11.93 -4.36 28.64
C LYS C 34 -10.41 -4.21 28.63
N ARG C 35 -9.92 -4.55 27.46
CA ARG C 35 -8.53 -4.64 27.00
C ARG C 35 -8.57 -4.44 25.47
N GLU C 36 -8.56 -3.19 25.07
CA GLU C 36 -8.65 -2.67 23.72
C GLU C 36 -7.63 -1.54 23.54
N MET C 37 -6.41 -1.99 23.33
CA MET C 37 -5.15 -1.31 23.22
C MET C 37 -4.30 -1.78 22.04
N ALA C 38 -3.27 -0.98 21.86
CA ALA C 38 -2.15 -1.17 20.96
C ALA C 38 -0.88 -1.04 21.84
N ILE C 39 0.05 -1.89 21.49
CA ILE C 39 1.28 -2.12 22.25
C ILE C 39 2.43 -2.30 21.22
N ILE C 40 3.28 -1.34 21.38
CA ILE C 40 4.54 -1.11 20.65
C ILE C 40 5.66 -1.38 21.66
N THR C 41 6.64 -2.05 21.14
CA THR C 41 7.83 -2.67 21.71
C THR C 41 9.02 -2.25 20.82
N PHE C 42 10.14 -2.04 21.45
CA PHE C 42 11.39 -1.68 20.75
C PHE C 42 12.51 -2.69 21.00
N LYS C 43 13.47 -2.55 20.09
CA LYS C 43 14.66 -3.45 20.02
C LYS C 43 15.34 -3.41 21.40
N ASN C 44 15.48 -2.18 21.86
CA ASN C 44 16.04 -1.90 23.20
C ASN C 44 15.14 -2.58 24.24
N GLY C 45 13.98 -3.03 23.80
CA GLY C 45 12.96 -3.65 24.61
C GLY C 45 12.08 -2.63 25.33
N ALA C 46 11.74 -1.53 24.65
CA ALA C 46 10.90 -0.50 25.26
C ALA C 46 9.44 -0.63 24.86
N ILE C 47 8.62 -1.01 25.82
CA ILE C 47 7.18 -1.23 25.78
C ILE C 47 6.41 0.08 25.93
N PHE C 48 5.26 0.11 25.24
CA PHE C 48 4.34 1.23 25.15
C PHE C 48 2.92 0.72 24.83
N GLN C 49 2.01 1.60 25.20
CA GLN C 49 0.60 1.44 25.07
C GLN C 49 -0.06 2.74 24.59
N VAL C 50 -1.13 2.47 23.93
CA VAL C 50 -2.23 3.31 23.46
C VAL C 50 -3.41 2.78 24.31
N GLU C 51 -3.74 3.59 25.28
CA GLU C 51 -4.73 3.33 26.32
C GLU C 51 -6.03 2.77 25.76
N VAL C 52 -6.52 1.73 26.44
CA VAL C 52 -7.90 1.26 26.09
C VAL C 52 -8.72 2.56 26.15
N PRO C 53 -9.42 2.86 25.06
CA PRO C 53 -10.21 4.12 24.99
C PRO C 53 -11.06 4.13 26.27
N SER C 54 -10.38 4.54 27.32
CA SER C 54 -10.90 4.49 28.67
C SER C 54 -11.54 5.79 29.09
N SER C 55 -12.46 5.63 30.03
CA SER C 55 -13.33 6.64 30.57
C SER C 55 -12.69 7.95 30.96
N GLN C 56 -11.38 8.06 30.90
CA GLN C 56 -10.64 9.27 31.31
C GLN C 56 -10.35 10.17 30.10
N HIS C 57 -11.20 10.05 29.09
CA HIS C 57 -10.92 10.74 27.84
C HIS C 57 -12.05 11.56 27.24
N ILE C 58 -11.67 12.79 26.98
CA ILE C 58 -12.34 13.83 26.24
C ILE C 58 -12.70 13.32 24.83
N ASP C 59 -13.98 13.27 24.61
CA ASP C 59 -14.64 12.95 23.35
C ASP C 59 -13.69 13.16 22.16
N SER C 60 -13.08 14.31 22.08
CA SER C 60 -12.13 14.67 21.02
C SER C 60 -10.99 13.62 20.90
N GLN C 61 -10.59 13.19 22.08
CA GLN C 61 -9.54 12.29 22.43
C GLN C 61 -9.79 10.88 21.89
N LYS C 62 -11.04 10.52 21.99
CA LYS C 62 -11.63 9.24 21.58
C LYS C 62 -11.29 8.96 20.11
N LYS C 63 -11.30 10.05 19.35
CA LYS C 63 -11.05 9.97 17.90
C LYS C 63 -9.57 9.86 17.62
N ALA C 64 -8.81 10.36 18.55
CA ALA C 64 -7.35 10.51 18.58
C ALA C 64 -6.68 9.17 18.93
N ILE C 65 -7.22 8.54 19.97
CA ILE C 65 -6.86 7.24 20.44
C ILE C 65 -6.93 6.23 19.30
N GLU C 66 -7.80 6.43 18.34
CA GLU C 66 -7.98 5.46 17.25
C GLU C 66 -7.02 5.64 16.09
N ARG C 67 -6.85 6.87 15.66
CA ARG C 67 -5.94 7.28 14.60
C ARG C 67 -4.53 6.78 15.00
N MET C 68 -4.15 7.08 16.22
CA MET C 68 -2.85 6.68 16.77
C MET C 68 -2.62 5.18 16.50
N LYS C 69 -3.53 4.40 17.05
CA LYS C 69 -3.47 2.95 16.88
C LYS C 69 -3.32 2.59 15.41
N ASP C 70 -3.33 3.58 14.56
CA ASP C 70 -3.34 3.46 13.10
C ASP C 70 -2.04 3.92 12.44
N THR C 71 -1.43 4.81 13.18
CA THR C 71 -0.13 5.40 12.77
C THR C 71 0.91 4.32 13.11
N LEU C 72 0.60 3.59 14.17
CA LEU C 72 1.42 2.53 14.72
C LEU C 72 1.53 1.37 13.71
N ARG C 73 0.34 0.92 13.34
CA ARG C 73 0.17 -0.20 12.46
C ARG C 73 0.60 0.00 11.04
N ILE C 74 0.82 1.20 10.57
CA ILE C 74 1.29 1.44 9.20
C ILE C 74 2.75 1.90 9.29
N ALA C 75 3.12 2.46 10.41
CA ALA C 75 4.56 2.80 10.62
C ALA C 75 5.28 1.44 10.80
N TYR C 76 4.54 0.56 11.49
CA TYR C 76 5.14 -0.76 11.73
C TYR C 76 5.25 -1.40 10.36
N LEU C 77 4.13 -1.77 9.81
CA LEU C 77 4.03 -2.44 8.51
C LEU C 77 4.91 -1.77 7.46
N THR C 78 5.59 -0.71 7.74
CA THR C 78 6.31 0.07 6.72
C THR C 78 7.71 0.42 7.17
N GLU C 79 8.03 -0.09 8.37
CA GLU C 79 9.35 0.10 9.00
C GLU C 79 9.79 1.55 8.85
N ALA C 80 8.87 2.42 9.25
CA ALA C 80 8.95 3.84 9.20
C ALA C 80 9.98 4.51 10.07
N LYS C 81 10.15 4.11 11.31
CA LYS C 81 11.07 4.76 12.25
C LYS C 81 10.56 6.07 12.87
N VAL C 82 10.22 5.94 14.12
CA VAL C 82 9.83 7.00 15.07
C VAL C 82 11.10 7.78 15.46
N GLU C 83 10.93 9.05 15.78
CA GLU C 83 12.01 9.89 16.29
C GLU C 83 11.94 9.84 17.82
N LYS C 84 10.93 10.55 18.34
CA LYS C 84 10.59 10.54 19.74
C LYS C 84 9.11 10.10 19.89
N LEU C 85 8.80 9.85 21.13
CA LEU C 85 7.48 9.50 21.63
C LEU C 85 7.31 10.24 22.98
N CYS C 86 6.34 11.15 23.00
CA CYS C 86 5.96 11.83 24.28
C CYS C 86 5.06 10.79 24.96
N THR C 87 5.23 10.54 26.23
CA THR C 87 4.48 9.43 26.88
C THR C 87 4.10 9.79 28.32
N TRP C 88 3.05 9.15 28.83
CA TRP C 88 2.69 9.30 30.25
C TRP C 88 3.46 8.29 31.09
N ASN C 89 4.24 8.79 32.05
CA ASN C 89 4.98 7.90 32.93
C ASN C 89 4.17 7.34 34.08
N ASN C 90 2.93 7.75 34.21
CA ASN C 90 2.07 7.38 35.35
C ASN C 90 1.42 6.04 35.13
N LYS C 91 1.61 5.52 33.94
CA LYS C 91 1.07 4.22 33.54
C LYS C 91 2.22 3.30 33.16
N THR C 92 1.89 2.03 33.31
CA THR C 92 2.70 0.89 32.93
C THR C 92 1.77 -0.03 32.10
N PRO C 93 2.06 -0.22 30.84
CA PRO C 93 3.15 0.37 30.08
C PRO C 93 2.88 1.85 29.78
N HIS C 94 3.87 2.69 29.97
CA HIS C 94 3.85 4.12 29.69
C HIS C 94 3.08 4.43 28.39
N ALA C 95 1.84 4.85 28.52
CA ALA C 95 1.00 5.25 27.40
C ALA C 95 1.65 6.32 26.53
N ILE C 96 1.28 6.28 25.26
CA ILE C 96 1.75 7.18 24.20
C ILE C 96 0.87 8.43 24.12
N ALA C 97 1.47 9.58 24.25
CA ALA C 97 0.75 10.86 24.14
C ALA C 97 0.86 11.49 22.76
N ALA C 98 2.00 11.28 22.10
CA ALA C 98 2.24 11.82 20.75
C ALA C 98 3.48 11.13 20.14
N ILE C 99 3.67 11.27 18.85
CA ILE C 99 4.74 10.71 18.06
C ILE C 99 5.34 11.67 17.04
N SER C 100 6.63 11.57 16.77
CA SER C 100 7.25 12.33 15.66
C SER C 100 7.98 11.29 14.78
N MET C 101 8.23 11.65 13.54
CA MET C 101 8.95 10.81 12.56
C MET C 101 9.66 11.79 11.61
N ALA C 102 10.92 11.55 11.40
CA ALA C 102 11.88 12.30 10.60
C ALA C 102 13.05 11.34 10.23
N ASN C 103 13.53 11.53 9.02
CA ASN C 103 14.71 10.79 8.50
C ASN C 103 14.49 9.29 8.43
N THR D 1 -1.19 -2.85 33.79
CA THR D 1 -1.64 -3.23 32.43
C THR D 1 -0.76 -4.36 31.88
N PRO D 2 -1.38 -5.27 31.15
CA PRO D 2 -0.69 -6.43 30.55
C PRO D 2 0.46 -5.89 29.70
N GLN D 3 1.58 -6.60 29.64
CA GLN D 3 2.74 -6.03 28.92
C GLN D 3 3.11 -6.66 27.62
N ASN D 4 2.39 -7.67 27.18
CA ASN D 4 2.71 -8.33 25.88
C ASN D 4 1.56 -9.31 25.63
N ILE D 5 1.46 -9.84 24.41
CA ILE D 5 0.32 -10.69 24.09
C ILE D 5 0.15 -11.85 25.06
N THR D 6 1.23 -12.16 25.78
CA THR D 6 1.19 -13.33 26.67
C THR D 6 0.43 -13.08 27.95
N ASP D 7 0.86 -12.04 28.68
CA ASP D 7 0.23 -11.75 29.99
C ASP D 7 -1.20 -11.17 29.75
N LEU D 8 -1.35 -10.69 28.53
CA LEU D 8 -2.63 -10.06 28.12
C LEU D 8 -3.68 -11.16 28.09
N CYS D 9 -3.44 -12.09 27.19
CA CYS D 9 -4.32 -13.25 26.94
C CYS D 9 -4.65 -13.97 28.22
N ALA D 10 -3.70 -14.13 29.12
CA ALA D 10 -3.83 -14.81 30.39
C ALA D 10 -4.91 -14.32 31.32
N GLU D 11 -5.40 -13.11 31.18
CA GLU D 11 -6.48 -12.61 32.07
C GLU D 11 -7.83 -13.24 31.77
N TYR D 12 -7.97 -13.66 30.53
CA TYR D 12 -9.13 -14.30 29.96
C TYR D 12 -9.02 -15.81 30.02
N HIS D 13 -10.18 -16.43 29.91
CA HIS D 13 -10.31 -17.88 30.03
C HIS D 13 -10.76 -18.51 28.72
N ASN D 14 -10.47 -19.79 28.58
CA ASN D 14 -10.70 -20.59 27.39
C ASN D 14 -9.84 -20.03 26.23
N THR D 15 -8.69 -19.57 26.65
CA THR D 15 -7.67 -19.00 25.79
C THR D 15 -6.42 -19.88 25.89
N GLN D 16 -5.48 -19.56 25.04
CA GLN D 16 -4.21 -20.17 24.82
C GLN D 16 -3.54 -19.39 23.66
N ILE D 17 -2.35 -18.93 23.91
CA ILE D 17 -1.53 -18.37 22.83
C ILE D 17 -1.22 -19.58 21.90
N TYR D 18 -0.65 -19.23 20.79
CA TYR D 18 -0.29 -20.14 19.69
C TYR D 18 0.96 -19.47 19.10
N THR D 19 2.08 -20.15 19.06
CA THR D 19 3.20 -19.44 18.35
C THR D 19 2.94 -19.78 16.87
N LEU D 20 3.53 -18.95 16.04
CA LEU D 20 3.35 -19.13 14.57
C LEU D 20 4.56 -18.62 13.81
N ASN D 21 5.16 -17.60 14.38
CA ASN D 21 6.29 -16.93 13.68
C ASN D 21 6.22 -17.30 12.19
N ASP D 22 5.04 -17.09 11.63
CA ASP D 22 4.70 -17.34 10.22
C ASP D 22 4.10 -16.11 9.52
N LYS D 23 3.14 -16.37 8.65
CA LYS D 23 2.42 -15.40 7.82
C LYS D 23 1.07 -16.06 7.45
N ILE D 24 0.19 -15.34 6.78
CA ILE D 24 -1.14 -15.89 6.46
C ILE D 24 -1.15 -16.58 5.11
N PHE D 25 -1.98 -17.63 5.04
CA PHE D 25 -2.09 -18.41 3.80
C PHE D 25 -3.37 -18.03 3.07
N SER D 26 -4.43 -17.96 3.88
CA SER D 26 -5.73 -17.51 3.31
C SER D 26 -6.28 -16.34 4.13
N TYR D 27 -7.12 -15.60 3.44
CA TYR D 27 -7.95 -14.51 3.87
C TYR D 27 -9.33 -14.69 3.19
N THR D 28 -10.30 -14.68 4.08
CA THR D 28 -11.72 -14.88 3.77
C THR D 28 -12.61 -13.97 4.57
N GLU D 29 -13.31 -13.18 3.76
CA GLU D 29 -14.19 -12.08 4.17
C GLU D 29 -15.58 -12.32 3.59
N SER D 30 -16.54 -12.43 4.50
CA SER D 30 -17.94 -12.59 4.16
C SER D 30 -18.71 -11.31 4.53
N LEU D 31 -19.84 -11.19 3.85
CA LEU D 31 -20.72 -10.01 4.10
C LEU D 31 -22.15 -10.53 4.26
N ALA D 32 -22.33 -11.79 3.88
CA ALA D 32 -23.66 -12.42 3.90
C ALA D 32 -24.27 -12.42 5.29
N GLY D 33 -25.47 -11.89 5.41
CA GLY D 33 -26.23 -11.80 6.65
C GLY D 33 -26.06 -13.03 7.53
N LYS D 34 -25.62 -12.73 8.75
CA LYS D 34 -25.34 -13.78 9.76
C LYS D 34 -23.86 -14.12 9.67
N ARG D 35 -23.21 -13.68 8.57
CA ARG D 35 -21.81 -13.99 8.29
C ARG D 35 -20.84 -12.88 8.06
N GLU D 36 -20.96 -11.70 8.68
CA GLU D 36 -19.93 -10.67 8.48
C GLU D 36 -18.72 -11.05 9.33
N MET D 37 -17.93 -11.86 8.67
CA MET D 37 -16.74 -12.51 9.19
C MET D 37 -15.49 -12.33 8.30
N ALA D 38 -14.44 -12.83 8.92
CA ALA D 38 -13.11 -13.02 8.36
C ALA D 38 -12.51 -14.31 8.96
N ILE D 39 -12.11 -15.22 8.08
CA ILE D 39 -11.47 -16.48 8.50
C ILE D 39 -10.01 -16.47 8.04
N ILE D 40 -9.13 -16.69 9.01
CA ILE D 40 -7.67 -16.73 8.77
C ILE D 40 -7.14 -18.15 8.69
N THR D 41 -6.31 -18.40 7.68
CA THR D 41 -5.72 -19.72 7.44
C THR D 41 -4.19 -19.65 7.38
N PHE D 42 -3.61 -20.52 8.20
CA PHE D 42 -2.14 -20.66 8.26
C PHE D 42 -1.71 -21.85 7.41
N LYS D 43 -0.53 -21.68 6.80
CA LYS D 43 0.02 -22.66 5.87
C LYS D 43 0.03 -24.07 6.37
N ASN D 44 0.14 -24.28 7.67
CA ASN D 44 0.05 -25.60 8.33
C ASN D 44 -1.43 -25.91 8.64
N GLY D 45 -2.29 -25.77 7.68
CA GLY D 45 -3.71 -26.01 7.74
C GLY D 45 -4.52 -25.46 8.88
N ALA D 46 -4.02 -24.54 9.66
CA ALA D 46 -4.68 -23.92 10.81
C ALA D 46 -5.73 -22.90 10.36
N ILE D 47 -6.88 -23.00 10.99
CA ILE D 47 -8.03 -22.11 10.72
C ILE D 47 -8.42 -21.40 12.01
N PHE D 48 -8.76 -20.14 11.85
CA PHE D 48 -9.20 -19.20 12.89
C PHE D 48 -10.31 -18.28 12.35
N GLN D 49 -11.06 -17.69 13.26
CA GLN D 49 -12.09 -16.72 12.93
C GLN D 49 -11.89 -15.40 13.69
N VAL D 50 -12.71 -14.48 13.25
CA VAL D 50 -13.05 -13.17 13.80
C VAL D 50 -14.61 -13.23 13.80
N GLU D 51 -15.17 -13.40 14.97
CA GLU D 51 -16.62 -13.56 15.07
C GLU D 51 -17.44 -12.31 14.80
N VAL D 52 -18.70 -12.61 14.59
CA VAL D 52 -19.85 -11.67 14.43
C VAL D 52 -20.13 -11.28 15.89
N PRO D 53 -20.40 -10.01 16.13
CA PRO D 53 -20.47 -9.40 17.44
C PRO D 53 -21.50 -9.72 18.49
N SER D 54 -21.56 -8.81 19.43
CA SER D 54 -22.26 -8.48 20.60
C SER D 54 -22.77 -9.47 21.61
N SER D 55 -23.38 -10.54 21.16
CA SER D 55 -23.96 -11.56 22.03
C SER D 55 -23.16 -11.75 23.30
N GLN D 56 -21.84 -11.92 23.16
CA GLN D 56 -20.97 -12.12 24.33
C GLN D 56 -20.01 -10.93 24.45
N HIS D 57 -20.11 -10.07 23.45
CA HIS D 57 -19.28 -8.88 23.36
C HIS D 57 -19.87 -7.68 24.11
N ILE D 58 -19.00 -6.70 24.20
CA ILE D 58 -19.27 -5.35 24.72
C ILE D 58 -19.14 -4.41 23.49
N ASP D 59 -19.83 -3.31 23.57
CA ASP D 59 -19.86 -2.30 22.49
C ASP D 59 -18.45 -1.77 22.28
N SER D 60 -17.68 -1.81 23.37
CA SER D 60 -16.27 -1.37 23.28
C SER D 60 -15.57 -2.42 22.41
N GLN D 61 -16.28 -3.54 22.31
CA GLN D 61 -15.73 -4.64 21.47
C GLN D 61 -15.91 -4.30 20.01
N LYS D 62 -17.14 -4.26 19.55
CA LYS D 62 -17.61 -3.96 18.22
C LYS D 62 -16.75 -3.10 17.33
N LYS D 63 -16.04 -2.12 17.87
CA LYS D 63 -15.04 -1.40 17.09
C LYS D 63 -13.73 -2.18 17.04
N ALA D 64 -13.44 -3.00 18.02
CA ALA D 64 -12.20 -3.80 18.03
C ALA D 64 -12.20 -4.80 16.86
N ILE D 65 -13.22 -5.60 16.82
CA ILE D 65 -13.51 -6.61 15.82
C ILE D 65 -13.34 -6.02 14.40
N GLU D 66 -13.57 -4.72 14.37
CA GLU D 66 -13.64 -3.95 13.13
C GLU D 66 -12.27 -3.47 12.72
N ARG D 67 -11.38 -3.43 13.70
CA ARG D 67 -9.98 -3.15 13.56
C ARG D 67 -9.20 -4.45 13.21
N MET D 68 -9.69 -5.55 13.77
CA MET D 68 -9.13 -6.89 13.58
C MET D 68 -9.37 -7.24 12.12
N LYS D 69 -10.58 -7.49 11.73
CA LYS D 69 -10.93 -7.67 10.30
C LYS D 69 -10.07 -6.76 9.42
N ASP D 70 -9.68 -5.59 9.96
CA ASP D 70 -8.83 -4.63 9.25
C ASP D 70 -7.37 -5.08 9.08
N THR D 71 -6.71 -5.22 10.22
CA THR D 71 -5.38 -5.64 10.46
C THR D 71 -4.90 -6.85 9.64
N LEU D 72 -5.67 -7.92 9.78
CA LEU D 72 -5.41 -9.19 9.11
C LEU D 72 -5.30 -9.00 7.61
N ARG D 73 -6.31 -8.34 7.04
CA ARG D 73 -6.34 -8.12 5.58
C ARG D 73 -5.00 -7.64 5.08
N ILE D 74 -4.48 -6.60 5.73
CA ILE D 74 -3.21 -6.02 5.39
C ILE D 74 -2.09 -6.57 6.26
N ALA D 75 -2.52 -7.61 6.99
CA ALA D 75 -1.56 -8.47 7.72
C ALA D 75 -1.15 -9.50 6.62
N TYR D 76 -2.15 -9.88 5.86
CA TYR D 76 -2.06 -10.79 4.73
C TYR D 76 -1.42 -10.11 3.54
N LEU D 77 -2.11 -9.29 2.77
CA LEU D 77 -1.52 -8.61 1.61
C LEU D 77 -0.01 -8.36 1.79
N THR D 78 0.35 -7.84 2.95
CA THR D 78 1.70 -7.36 3.25
C THR D 78 2.74 -8.48 3.36
N GLU D 79 2.28 -9.49 4.07
CA GLU D 79 2.95 -10.68 4.45
C GLU D 79 3.66 -10.48 5.78
N ALA D 80 2.94 -10.77 6.79
CA ALA D 80 2.83 -10.86 8.16
C ALA D 80 3.98 -11.24 9.07
N LYS D 81 3.79 -12.52 9.39
CA LYS D 81 4.64 -13.24 10.37
C LYS D 81 3.89 -12.94 11.68
N VAL D 82 2.67 -13.55 11.64
CA VAL D 82 1.89 -13.42 12.88
C VAL D 82 2.68 -14.32 13.88
N GLU D 83 3.50 -13.60 14.65
CA GLU D 83 4.25 -14.20 15.72
C GLU D 83 3.43 -15.22 16.50
N LYS D 84 2.65 -14.76 17.43
CA LYS D 84 1.75 -15.58 18.27
C LYS D 84 0.30 -15.07 18.05
N LEU D 85 -0.64 -15.65 18.76
CA LEU D 85 -2.07 -15.35 18.56
C LEU D 85 -2.91 -15.85 19.73
N CYS D 86 -3.57 -14.93 20.44
CA CYS D 86 -4.45 -15.35 21.55
C CYS D 86 -5.77 -15.81 20.96
N THR D 87 -6.45 -16.72 21.65
CA THR D 87 -7.65 -17.31 20.96
C THR D 87 -8.58 -18.04 21.86
N TRP D 88 -9.87 -17.87 21.56
CA TRP D 88 -10.89 -18.59 22.33
C TRP D 88 -11.07 -19.95 21.65
N ASN D 89 -10.30 -20.86 22.24
CA ASN D 89 -10.27 -22.29 21.89
C ASN D 89 -11.61 -22.91 22.28
N ASN D 90 -12.33 -22.12 23.08
CA ASN D 90 -13.65 -22.56 23.59
C ASN D 90 -14.65 -22.36 22.44
N LYS D 91 -14.04 -22.05 21.30
CA LYS D 91 -14.74 -21.75 20.04
C LYS D 91 -14.35 -22.74 18.96
N THR D 92 -14.90 -22.60 17.77
CA THR D 92 -14.59 -23.54 16.66
C THR D 92 -15.28 -23.09 15.37
N PRO D 93 -14.54 -22.47 14.46
CA PRO D 93 -13.12 -22.20 14.56
C PRO D 93 -12.80 -21.43 15.81
N HIS D 94 -11.52 -21.49 16.20
CA HIS D 94 -11.05 -20.74 17.37
C HIS D 94 -10.98 -19.25 17.06
N ALA D 95 -11.69 -18.47 17.86
CA ALA D 95 -11.86 -17.03 17.85
C ALA D 95 -10.61 -16.24 18.21
N ILE D 96 -10.09 -15.49 17.25
CA ILE D 96 -8.90 -14.61 17.47
C ILE D 96 -9.24 -13.53 18.48
N ALA D 97 -8.40 -13.24 19.45
CA ALA D 97 -8.72 -12.28 20.51
C ALA D 97 -7.59 -11.28 20.72
N ALA D 98 -6.58 -11.42 19.92
CA ALA D 98 -5.35 -10.60 19.98
C ALA D 98 -4.43 -11.24 18.90
N ILE D 99 -3.40 -10.53 18.57
CA ILE D 99 -2.48 -10.89 17.45
C ILE D 99 -1.12 -10.25 17.78
N SER D 100 -0.02 -10.84 17.37
CA SER D 100 1.33 -10.26 17.66
C SER D 100 2.22 -10.33 16.43
N MET D 101 2.66 -9.21 15.91
CA MET D 101 3.43 -9.22 14.66
C MET D 101 4.88 -9.04 15.12
N ALA D 102 5.71 -9.97 14.70
CA ALA D 102 7.12 -10.01 15.12
C ALA D 102 8.05 -10.06 13.91
N ASN D 103 9.00 -9.12 13.99
CA ASN D 103 9.97 -8.94 12.90
C ASN D 103 10.44 -10.25 12.28
N THR E 1 -20.03 -22.94 12.10
CA THR E 1 -19.47 -21.97 11.15
C THR E 1 -18.56 -22.73 10.16
N PRO E 2 -18.60 -22.27 8.93
CA PRO E 2 -17.67 -22.83 7.90
C PRO E 2 -16.26 -22.41 8.32
N GLN E 3 -15.28 -23.10 7.76
CA GLN E 3 -13.87 -22.78 8.07
C GLN E 3 -13.23 -22.32 6.75
N ASN E 4 -14.08 -22.46 5.74
CA ASN E 4 -13.85 -22.07 4.36
C ASN E 4 -15.13 -21.42 3.81
N ILE E 5 -14.93 -20.75 2.70
CA ILE E 5 -15.91 -20.04 1.90
C ILE E 5 -16.92 -20.97 1.23
N THR E 6 -16.49 -22.19 0.95
CA THR E 6 -17.35 -23.16 0.27
C THR E 6 -18.44 -23.67 1.21
N ASP E 7 -18.03 -23.81 2.45
CA ASP E 7 -18.99 -24.32 3.47
C ASP E 7 -19.98 -23.21 3.77
N LEU E 8 -19.53 -21.97 3.65
CA LEU E 8 -20.34 -20.75 3.88
C LEU E 8 -21.40 -20.54 2.81
N CYS E 9 -20.93 -20.63 1.59
CA CYS E 9 -21.71 -20.39 0.38
C CYS E 9 -22.88 -21.32 0.13
N ALA E 10 -23.03 -22.44 0.81
CA ALA E 10 -24.18 -23.34 0.48
C ALA E 10 -25.22 -23.31 1.59
N GLU E 11 -24.85 -22.61 2.62
CA GLU E 11 -25.65 -22.29 3.81
C GLU E 11 -26.68 -21.26 3.37
N TYR E 12 -26.34 -20.66 2.24
CA TYR E 12 -27.21 -19.73 1.52
C TYR E 12 -27.70 -20.46 0.27
N HIS E 13 -29.01 -20.30 0.04
CA HIS E 13 -29.56 -20.88 -1.22
C HIS E 13 -29.60 -19.71 -2.19
N ASN E 14 -29.21 -20.00 -3.41
CA ASN E 14 -29.12 -19.00 -4.48
C ASN E 14 -27.75 -18.37 -4.61
N THR E 15 -26.75 -19.10 -4.13
CA THR E 15 -25.34 -18.74 -4.20
C THR E 15 -24.63 -19.65 -5.24
N GLN E 16 -23.33 -19.48 -5.38
CA GLN E 16 -22.56 -20.15 -6.45
C GLN E 16 -21.07 -19.91 -6.21
N ILE E 17 -20.23 -20.94 -6.37
CA ILE E 17 -18.79 -20.74 -6.22
C ILE E 17 -18.06 -20.65 -7.56
N TYR E 18 -17.17 -19.68 -7.58
CA TYR E 18 -16.29 -19.22 -8.61
C TYR E 18 -14.82 -19.26 -8.27
N THR E 19 -14.13 -20.24 -8.82
CA THR E 19 -12.63 -20.23 -8.67
C THR E 19 -12.09 -19.35 -9.81
N LEU E 20 -11.46 -18.26 -9.52
CA LEU E 20 -10.96 -17.36 -10.61
C LEU E 20 -9.45 -17.46 -10.59
N ASN E 21 -9.01 -17.69 -9.34
CA ASN E 21 -7.58 -17.86 -9.11
C ASN E 21 -6.78 -16.83 -9.88
N ASP E 22 -7.30 -15.62 -9.98
CA ASP E 22 -6.55 -14.55 -10.66
C ASP E 22 -6.90 -13.18 -10.16
N LYS E 23 -6.13 -12.22 -10.62
CA LYS E 23 -6.25 -10.81 -10.26
C LYS E 23 -7.31 -10.09 -11.09
N ILE E 24 -7.95 -9.09 -10.41
CA ILE E 24 -8.97 -8.30 -11.05
C ILE E 24 -8.31 -7.49 -12.19
N PHE E 25 -9.07 -7.43 -13.27
CA PHE E 25 -8.59 -6.82 -14.51
C PHE E 25 -8.85 -5.33 -14.58
N SER E 26 -9.97 -4.95 -13.98
CA SER E 26 -10.45 -3.56 -13.91
C SER E 26 -11.49 -3.43 -12.79
N TYR E 27 -11.61 -2.24 -12.26
CA TYR E 27 -12.46 -1.86 -11.15
C TYR E 27 -13.06 -0.45 -11.47
N THR E 28 -14.36 -0.44 -11.24
CA THR E 28 -15.28 0.67 -11.40
C THR E 28 -15.95 0.92 -10.02
N GLU E 29 -16.04 2.19 -9.72
CA GLU E 29 -16.83 2.59 -8.54
C GLU E 29 -17.67 3.82 -8.94
N SER E 30 -18.91 3.68 -8.58
CA SER E 30 -20.01 4.59 -8.83
C SER E 30 -20.50 5.30 -7.59
N LEU E 31 -20.91 6.55 -7.85
CA LEU E 31 -21.49 7.43 -6.82
C LEU E 31 -22.70 8.20 -7.34
N ALA E 32 -23.25 7.72 -8.43
CA ALA E 32 -24.34 8.28 -9.21
C ALA E 32 -25.66 7.62 -8.81
N GLY E 33 -26.39 8.32 -7.96
CA GLY E 33 -27.66 8.06 -7.38
C GLY E 33 -28.35 6.78 -7.75
N LYS E 34 -28.41 5.92 -6.73
CA LYS E 34 -29.01 4.60 -6.87
C LYS E 34 -28.02 3.62 -7.49
N ARG E 35 -27.01 4.16 -8.16
CA ARG E 35 -25.98 3.34 -8.82
C ARG E 35 -24.67 3.43 -8.02
N GLU E 36 -24.86 3.35 -6.73
CA GLU E 36 -23.69 3.46 -5.79
C GLU E 36 -23.40 2.01 -5.40
N MET E 37 -22.39 1.51 -6.08
CA MET E 37 -22.02 0.08 -6.07
C MET E 37 -20.58 -0.01 -6.58
N ALA E 38 -20.07 -1.22 -6.66
CA ALA E 38 -18.73 -1.42 -7.24
C ALA E 38 -18.85 -2.51 -8.30
N ILE E 39 -17.95 -2.42 -9.27
CA ILE E 39 -18.01 -3.34 -10.40
C ILE E 39 -16.65 -3.85 -10.79
N ILE E 40 -16.61 -5.16 -10.72
CA ILE E 40 -15.41 -5.98 -10.91
C ILE E 40 -15.51 -6.90 -12.09
N THR E 41 -14.35 -7.05 -12.71
CA THR E 41 -14.17 -7.74 -13.99
C THR E 41 -12.96 -8.63 -13.95
N PHE E 42 -13.09 -9.75 -14.65
CA PHE E 42 -11.99 -10.70 -14.82
C PHE E 42 -11.57 -10.81 -16.28
N LYS E 43 -10.35 -11.22 -16.50
CA LYS E 43 -9.69 -11.32 -17.82
C LYS E 43 -10.55 -12.13 -18.77
N ASN E 44 -11.03 -13.22 -18.21
CA ASN E 44 -11.86 -14.23 -18.80
C ASN E 44 -13.29 -13.82 -19.11
N GLY E 45 -13.70 -12.66 -18.66
CA GLY E 45 -15.06 -12.20 -18.85
C GLY E 45 -15.73 -11.74 -17.57
N ALA E 46 -15.93 -12.67 -16.64
CA ALA E 46 -16.68 -12.43 -15.43
C ALA E 46 -16.68 -11.03 -14.84
N ILE E 47 -17.88 -10.42 -14.79
CA ILE E 47 -18.19 -9.18 -14.09
C ILE E 47 -19.00 -9.56 -12.83
N PHE E 48 -18.67 -8.97 -11.73
CA PHE E 48 -19.28 -9.22 -10.42
C PHE E 48 -19.61 -7.87 -9.77
N GLN E 49 -20.66 -7.87 -8.96
CA GLN E 49 -21.09 -6.62 -8.32
C GLN E 49 -21.21 -6.64 -6.81
N VAL E 50 -20.76 -5.58 -6.15
CA VAL E 50 -21.18 -5.39 -4.73
C VAL E 50 -22.47 -4.54 -4.85
N GLU E 51 -23.60 -5.05 -4.43
CA GLU E 51 -24.93 -4.49 -4.61
C GLU E 51 -25.20 -3.22 -3.81
N VAL E 52 -26.17 -2.45 -4.30
CA VAL E 52 -26.63 -1.21 -3.65
C VAL E 52 -27.40 -1.64 -2.39
N PRO E 53 -26.91 -1.16 -1.27
CA PRO E 53 -27.31 -1.61 0.05
C PRO E 53 -28.78 -1.52 0.30
N SER E 54 -29.50 -2.04 -0.68
CA SER E 54 -30.98 -1.94 -0.65
C SER E 54 -31.62 -2.64 0.50
N SER E 55 -32.69 -3.36 0.21
CA SER E 55 -33.56 -4.02 1.19
C SER E 55 -33.39 -5.53 1.19
N GLN E 56 -32.51 -6.01 0.32
CA GLN E 56 -32.24 -7.47 0.31
C GLN E 56 -31.32 -7.74 1.51
N HIS E 57 -30.97 -6.67 2.20
CA HIS E 57 -29.99 -6.67 3.27
C HIS E 57 -30.57 -6.58 4.68
N ILE E 58 -29.81 -7.16 5.60
CA ILE E 58 -30.15 -7.02 7.05
C ILE E 58 -29.28 -5.85 7.49
N ASP E 59 -29.50 -5.28 8.65
CA ASP E 59 -28.66 -4.12 9.00
C ASP E 59 -27.22 -4.49 9.20
N SER E 60 -26.93 -5.70 9.64
CA SER E 60 -25.61 -6.26 9.92
C SER E 60 -24.65 -6.20 8.73
N GLN E 61 -25.20 -6.31 7.54
CA GLN E 61 -24.55 -6.33 6.26
C GLN E 61 -24.05 -4.95 5.77
N LYS E 62 -24.87 -3.94 5.96
CA LYS E 62 -24.58 -2.60 5.42
C LYS E 62 -23.07 -2.28 5.52
N LYS E 63 -22.53 -2.49 6.70
CA LYS E 63 -21.13 -2.10 6.97
C LYS E 63 -20.09 -3.12 6.61
N ALA E 64 -20.54 -4.29 6.17
CA ALA E 64 -19.72 -5.36 5.66
C ALA E 64 -19.58 -5.27 4.14
N ILE E 65 -20.46 -4.49 3.52
CA ILE E 65 -20.45 -4.16 2.11
C ILE E 65 -19.45 -3.02 1.80
N GLU E 66 -19.22 -2.18 2.80
CA GLU E 66 -18.29 -1.07 2.69
C GLU E 66 -16.86 -1.57 2.87
N ARG E 67 -16.79 -2.63 3.66
CA ARG E 67 -15.47 -3.29 3.89
C ARG E 67 -15.11 -4.10 2.64
N MET E 68 -16.12 -4.65 2.01
CA MET E 68 -16.06 -5.41 0.79
C MET E 68 -15.68 -4.60 -0.44
N LYS E 69 -16.14 -3.36 -0.59
CA LYS E 69 -15.78 -2.55 -1.78
C LYS E 69 -14.36 -2.03 -1.61
N ASP E 70 -13.92 -1.98 -0.37
CA ASP E 70 -12.61 -1.58 0.13
C ASP E 70 -11.51 -2.63 -0.18
N THR E 71 -11.86 -3.85 0.04
CA THR E 71 -11.15 -5.12 -0.20
C THR E 71 -10.90 -5.30 -1.69
N LEU E 72 -11.98 -5.24 -2.48
CA LEU E 72 -11.76 -5.07 -3.95
C LEU E 72 -11.19 -3.63 -3.97
N ARG E 73 -10.37 -3.34 -4.94
CA ARG E 73 -9.65 -2.03 -4.90
C ARG E 73 -8.37 -2.25 -4.12
N ILE E 74 -8.42 -2.62 -2.85
CA ILE E 74 -7.09 -2.80 -2.15
C ILE E 74 -6.37 -3.93 -2.91
N ALA E 75 -7.14 -4.97 -3.16
CA ALA E 75 -6.82 -6.13 -3.96
C ALA E 75 -6.74 -5.76 -5.44
N TYR E 76 -7.22 -4.57 -5.79
CA TYR E 76 -7.23 -4.17 -7.20
C TYR E 76 -5.96 -3.40 -7.49
N LEU E 77 -5.55 -2.57 -6.56
CA LEU E 77 -4.32 -1.79 -6.68
C LEU E 77 -3.09 -2.67 -6.47
N THR E 78 -3.24 -3.53 -5.50
CA THR E 78 -2.36 -4.55 -4.97
C THR E 78 -2.11 -5.70 -5.93
N GLU E 79 -3.09 -6.02 -6.76
CA GLU E 79 -2.95 -7.07 -7.77
C GLU E 79 -3.07 -8.46 -7.28
N ALA E 80 -3.38 -8.60 -5.99
CA ALA E 80 -3.58 -9.95 -5.43
C ALA E 80 -4.44 -10.71 -6.46
N LYS E 81 -4.41 -11.99 -6.25
CA LYS E 81 -5.10 -13.05 -6.93
C LYS E 81 -6.33 -13.40 -6.06
N VAL E 82 -7.46 -13.26 -6.69
CA VAL E 82 -8.74 -13.76 -6.06
C VAL E 82 -8.75 -15.24 -6.53
N GLU E 83 -9.07 -16.13 -5.61
CA GLU E 83 -9.00 -17.56 -5.98
C GLU E 83 -10.42 -18.09 -6.12
N LYS E 84 -11.22 -17.56 -5.21
CA LYS E 84 -12.64 -17.91 -5.15
C LYS E 84 -13.59 -16.75 -4.94
N LEU E 85 -14.75 -16.90 -5.59
CA LEU E 85 -15.86 -15.98 -5.51
C LEU E 85 -17.15 -16.68 -5.08
N CYS E 86 -17.62 -16.28 -3.91
CA CYS E 86 -18.99 -16.67 -3.51
C CYS E 86 -19.86 -15.48 -3.99
N THR E 87 -20.93 -15.85 -4.65
CA THR E 87 -21.78 -14.94 -5.42
C THR E 87 -23.23 -15.43 -5.43
N TRP E 88 -24.15 -14.51 -5.42
CA TRP E 88 -25.59 -14.76 -5.65
C TRP E 88 -25.77 -14.71 -7.17
N ASN E 89 -26.27 -15.76 -7.75
CA ASN E 89 -26.34 -15.84 -9.23
C ASN E 89 -27.72 -15.45 -9.74
N ASN E 90 -28.55 -15.02 -8.81
CA ASN E 90 -29.97 -14.71 -9.15
C ASN E 90 -30.12 -13.22 -9.52
N LYS E 91 -28.98 -12.55 -9.50
CA LYS E 91 -28.81 -11.16 -9.92
C LYS E 91 -28.00 -11.10 -11.22
N THR E 92 -27.85 -9.89 -11.72
CA THR E 92 -27.12 -9.65 -12.99
C THR E 92 -26.54 -8.23 -12.95
N PRO E 93 -25.22 -8.12 -12.90
CA PRO E 93 -24.22 -9.19 -12.93
C PRO E 93 -24.26 -10.05 -11.70
N HIS E 94 -23.35 -10.99 -11.52
CA HIS E 94 -23.40 -11.85 -10.30
C HIS E 94 -23.09 -10.96 -9.09
N ALA E 95 -23.56 -11.33 -7.91
CA ALA E 95 -23.39 -10.48 -6.70
C ALA E 95 -22.54 -11.13 -5.64
N ILE E 96 -21.39 -10.53 -5.34
CA ILE E 96 -20.41 -10.98 -4.35
C ILE E 96 -21.00 -11.15 -2.96
N ALA E 97 -20.76 -12.33 -2.40
CA ALA E 97 -21.19 -12.76 -1.08
C ALA E 97 -19.96 -12.96 -0.18
N ALA E 98 -18.88 -13.37 -0.82
CA ALA E 98 -17.59 -13.59 -0.13
C ALA E 98 -16.44 -13.73 -1.12
N ILE E 99 -15.25 -13.48 -0.62
CA ILE E 99 -14.03 -13.56 -1.41
C ILE E 99 -12.93 -14.31 -0.66
N SER E 100 -12.21 -15.10 -1.44
CA SER E 100 -11.09 -15.92 -0.91
C SER E 100 -9.82 -15.41 -1.59
N MET E 101 -8.81 -15.19 -0.77
CA MET E 101 -7.50 -14.75 -1.25
C MET E 101 -6.40 -15.58 -0.58
N ALA E 102 -6.07 -16.75 -1.08
CA ALA E 102 -4.88 -17.47 -0.49
C ALA E 102 -3.65 -17.26 -1.35
N ASN E 103 -2.50 -17.23 -0.71
CA ASN E 103 -1.21 -16.93 -1.35
C ASN E 103 -0.65 -18.11 -2.15
N THR F 1 -26.78 -5.18 -12.20
CA THR F 1 -27.11 -3.76 -12.58
C THR F 1 -25.92 -3.10 -13.24
N PRO F 2 -26.18 -2.35 -14.60
CA PRO F 2 -25.27 -1.52 -15.45
C PRO F 2 -24.07 -2.20 -16.00
N GLN F 3 -23.28 -2.95 -15.29
CA GLN F 3 -22.14 -3.74 -15.68
C GLN F 3 -21.07 -3.10 -16.51
N ASN F 4 -20.76 -1.84 -16.26
CA ASN F 4 -19.67 -1.08 -16.90
C ASN F 4 -19.97 0.42 -16.84
N ILE F 5 -18.93 1.24 -16.83
CA ILE F 5 -19.00 2.68 -16.70
C ILE F 5 -19.76 3.37 -17.83
N THR F 6 -19.77 2.74 -18.98
CA THR F 6 -20.44 3.26 -20.19
C THR F 6 -21.95 3.21 -19.98
N ASP F 7 -22.46 2.03 -19.77
CA ASP F 7 -23.86 1.69 -19.60
C ASP F 7 -24.46 2.43 -18.40
N LEU F 8 -23.64 2.46 -17.40
CA LEU F 8 -23.89 3.09 -16.10
C LEU F 8 -24.30 4.56 -16.23
N CYS F 9 -23.45 5.25 -16.96
CA CYS F 9 -23.45 6.69 -17.22
C CYS F 9 -24.57 7.05 -18.23
N ALA F 10 -24.62 6.32 -19.31
CA ALA F 10 -25.57 6.41 -20.38
C ALA F 10 -27.01 6.33 -19.81
N GLU F 11 -27.06 6.16 -18.53
CA GLU F 11 -28.37 6.01 -17.82
C GLU F 11 -28.77 7.35 -17.22
N TYR F 12 -28.10 8.41 -17.61
CA TYR F 12 -28.42 9.76 -17.08
C TYR F 12 -28.49 10.78 -18.20
N HIS F 13 -29.19 11.89 -17.99
CA HIS F 13 -29.33 12.92 -19.07
C HIS F 13 -28.10 13.80 -19.15
N ASN F 14 -27.65 14.26 -17.99
CA ASN F 14 -26.53 15.21 -17.97
C ASN F 14 -25.18 14.66 -17.61
N THR F 15 -24.82 13.46 -18.06
CA THR F 15 -23.47 12.96 -17.82
C THR F 15 -22.80 12.57 -19.13
N GLN F 16 -21.48 12.65 -19.11
CA GLN F 16 -20.61 12.24 -20.20
C GLN F 16 -19.49 11.34 -19.63
N ILE F 17 -18.99 10.52 -20.55
CA ILE F 17 -17.86 9.61 -20.27
C ILE F 17 -16.56 10.18 -20.86
N TYR F 18 -15.60 10.41 -19.98
CA TYR F 18 -14.25 10.78 -20.39
C TYR F 18 -13.35 9.50 -20.32
N THR F 19 -12.69 9.30 -21.42
CA THR F 19 -11.69 8.30 -21.69
C THR F 19 -10.31 8.96 -21.55
N LEU F 20 -9.57 8.52 -20.54
CA LEU F 20 -8.22 9.00 -20.23
C LEU F 20 -7.08 8.02 -20.37
N ASN F 21 -7.17 6.78 -19.96
CA ASN F 21 -6.00 5.83 -20.04
C ASN F 21 -4.71 6.63 -19.74
N ASP F 22 -4.72 7.12 -18.52
CA ASP F 22 -3.62 8.01 -18.06
C ASP F 22 -3.71 8.02 -16.52
N LYS F 23 -2.70 8.61 -15.96
CA LYS F 23 -2.57 8.69 -14.51
C LYS F 23 -2.62 10.15 -14.05
N ILE F 24 -3.22 10.30 -12.89
CA ILE F 24 -3.53 11.57 -12.20
C ILE F 24 -2.26 12.38 -12.09
N PHE F 25 -2.30 13.59 -12.63
CA PHE F 25 -1.09 14.46 -12.66
C PHE F 25 -0.90 15.24 -11.39
N SER F 26 -1.98 15.68 -10.76
CA SER F 26 -1.88 16.46 -9.49
C SER F 26 -3.13 16.12 -8.67
N TYR F 27 -2.97 16.28 -7.38
CA TYR F 27 -4.05 15.92 -6.44
C TYR F 27 -4.25 17.07 -5.48
N THR F 28 -5.36 17.80 -5.70
CA THR F 28 -5.58 18.95 -4.80
C THR F 28 -6.65 18.56 -3.80
N GLU F 29 -6.45 19.07 -2.59
CA GLU F 29 -7.43 18.74 -1.54
C GLU F 29 -7.70 19.93 -0.62
N SER F 30 -9.00 20.08 -0.27
CA SER F 30 -9.29 21.23 0.63
C SER F 30 -10.07 20.80 1.84
N LEU F 31 -9.79 21.40 2.97
CA LEU F 31 -10.57 21.18 4.21
C LEU F 31 -11.35 22.50 4.50
N ALA F 32 -11.04 23.52 3.73
CA ALA F 32 -11.56 24.88 3.85
C ALA F 32 -13.06 24.95 3.89
N GLY F 33 -13.58 25.90 4.66
CA GLY F 33 -15.06 26.01 4.85
C GLY F 33 -15.68 26.31 3.50
N LYS F 34 -16.75 25.62 3.16
CA LYS F 34 -17.44 25.76 1.88
C LYS F 34 -16.83 24.91 0.78
N ARG F 35 -15.52 24.95 0.62
CA ARG F 35 -14.79 24.17 -0.40
C ARG F 35 -14.10 22.94 0.21
N GLU F 36 -14.81 21.88 0.49
CA GLU F 36 -14.13 20.67 1.05
C GLU F 36 -14.27 19.57 0.01
N MET F 37 -13.44 19.73 -1.02
CA MET F 37 -13.42 18.92 -2.24
C MET F 37 -12.02 18.35 -2.50
N ALA F 38 -11.87 17.86 -3.69
CA ALA F 38 -10.66 17.29 -4.22
C ALA F 38 -10.61 17.51 -5.73
N ILE F 39 -9.52 18.12 -6.16
CA ILE F 39 -9.30 18.34 -7.60
C ILE F 39 -8.19 17.44 -8.15
N ILE F 40 -8.51 16.83 -9.28
CA ILE F 40 -7.64 15.98 -10.05
C ILE F 40 -7.42 16.54 -11.47
N THR F 41 -6.15 16.56 -11.85
CA THR F 41 -5.72 17.12 -13.17
C THR F 41 -5.28 16.02 -14.11
N PHE F 42 -4.66 16.41 -15.20
CA PHE F 42 -4.17 15.55 -16.29
C PHE F 42 -3.15 16.38 -17.07
N LYS F 43 -2.20 15.73 -17.73
CA LYS F 43 -1.06 16.45 -18.37
C LYS F 43 -1.49 17.09 -19.70
N ASN F 44 -2.50 16.46 -20.26
CA ASN F 44 -3.14 16.93 -21.49
C ASN F 44 -4.57 17.31 -21.03
N GLY F 45 -4.53 18.37 -20.23
CA GLY F 45 -5.46 19.17 -19.57
C GLY F 45 -6.59 18.82 -18.69
N ALA F 46 -7.01 17.57 -18.58
CA ALA F 46 -8.21 17.21 -17.81
C ALA F 46 -8.22 17.73 -16.39
N ILE F 47 -9.32 18.37 -16.02
CA ILE F 47 -9.58 18.88 -14.67
C ILE F 47 -10.94 18.40 -14.20
N PHE F 48 -11.01 17.78 -13.04
CA PHE F 48 -12.28 17.22 -12.55
C PHE F 48 -12.39 17.51 -11.08
N GLN F 49 -13.55 17.30 -10.47
CA GLN F 49 -13.76 17.61 -9.05
C GLN F 49 -14.64 16.49 -8.45
N VAL F 50 -14.51 16.40 -7.15
CA VAL F 50 -15.29 15.51 -6.29
C VAL F 50 -16.02 16.54 -5.37
N GLU F 51 -17.24 16.80 -5.78
CA GLU F 51 -18.12 17.82 -5.20
C GLU F 51 -18.25 17.73 -3.71
N VAL F 52 -18.72 18.82 -3.16
CA VAL F 52 -19.09 18.93 -1.72
C VAL F 52 -20.51 18.38 -1.52
N PRO F 53 -20.68 17.76 -0.38
CA PRO F 53 -21.94 17.11 0.03
C PRO F 53 -22.98 18.21 0.27
N SER F 54 -24.12 17.97 -0.34
CA SER F 54 -25.22 18.91 -0.50
C SER F 54 -26.59 18.30 -0.80
N SER F 55 -27.47 19.23 -1.14
CA SER F 55 -28.79 18.90 -1.74
C SER F 55 -28.29 18.52 -3.19
N GLN F 56 -29.00 17.63 -3.81
CA GLN F 56 -28.50 16.99 -5.06
C GLN F 56 -27.86 15.66 -4.56
N HIS F 57 -27.61 15.65 -3.25
CA HIS F 57 -27.06 14.46 -2.62
C HIS F 57 -27.96 13.94 -1.51
N ILE F 58 -28.29 12.65 -1.63
CA ILE F 58 -28.98 11.94 -0.56
C ILE F 58 -27.92 11.49 0.48
N ASP F 59 -28.31 10.49 1.19
CA ASP F 59 -27.61 9.77 2.24
C ASP F 59 -26.65 8.72 1.68
N SER F 60 -27.12 8.04 0.65
CA SER F 60 -26.42 7.01 -0.09
C SER F 60 -25.19 7.58 -0.81
N GLN F 61 -25.36 8.71 -1.45
CA GLN F 61 -24.37 9.50 -2.16
C GLN F 61 -23.33 10.14 -1.23
N LYS F 62 -23.64 10.26 0.05
CA LYS F 62 -22.72 10.97 0.95
C LYS F 62 -21.52 10.20 1.37
N LYS F 63 -21.68 8.91 1.60
CA LYS F 63 -20.59 7.98 1.92
C LYS F 63 -19.74 7.84 0.65
N ALA F 64 -20.43 7.59 -0.45
CA ALA F 64 -19.87 7.44 -1.77
C ALA F 64 -18.90 8.53 -2.20
N ILE F 65 -19.03 9.74 -1.73
CA ILE F 65 -18.14 10.84 -2.16
C ILE F 65 -16.84 10.81 -1.30
N GLU F 66 -17.11 10.40 -0.08
CA GLU F 66 -16.13 10.27 0.96
C GLU F 66 -15.20 9.12 0.55
N ARG F 67 -15.81 8.05 0.09
CA ARG F 67 -15.04 6.86 -0.38
C ARG F 67 -14.73 6.95 -1.87
N MET F 68 -14.32 8.14 -2.30
CA MET F 68 -14.04 8.40 -3.73
C MET F 68 -12.89 9.39 -3.75
N LYS F 69 -12.76 10.07 -2.62
CA LYS F 69 -11.61 10.94 -2.33
C LYS F 69 -10.51 10.06 -1.69
N ASP F 70 -10.90 8.87 -1.29
CA ASP F 70 -10.02 7.84 -0.69
C ASP F 70 -9.23 7.16 -1.84
N THR F 71 -9.96 6.94 -2.88
CA THR F 71 -9.69 6.35 -4.15
C THR F 71 -8.98 7.21 -5.16
N LEU F 72 -9.19 8.50 -5.12
CA LEU F 72 -8.30 9.40 -5.92
C LEU F 72 -6.94 9.53 -5.29
N ARG F 73 -6.84 9.96 -4.05
CA ARG F 73 -5.58 10.02 -3.26
C ARG F 73 -4.69 8.82 -3.61
N ILE F 74 -5.08 7.59 -3.29
CA ILE F 74 -4.30 6.40 -3.59
C ILE F 74 -4.14 6.08 -5.06
N ALA F 75 -5.09 6.48 -5.90
CA ALA F 75 -4.94 6.22 -7.34
C ALA F 75 -3.72 7.06 -7.77
N TYR F 76 -3.57 8.12 -7.00
CA TYR F 76 -2.53 9.11 -7.25
C TYR F 76 -1.15 8.69 -6.75
N LEU F 77 -1.06 8.34 -5.50
CA LEU F 77 0.23 7.89 -4.92
C LEU F 77 0.61 6.57 -5.59
N THR F 78 -0.37 5.67 -5.62
CA THR F 78 -0.20 4.35 -6.23
C THR F 78 0.27 4.49 -7.67
N GLU F 79 0.06 5.67 -8.24
CA GLU F 79 0.41 6.03 -9.60
C GLU F 79 -0.49 5.45 -10.67
N ALA F 80 -1.58 4.83 -10.30
CA ALA F 80 -2.58 4.14 -11.07
C ALA F 80 -2.94 4.71 -12.42
N LYS F 81 -3.48 3.82 -13.24
CA LYS F 81 -3.93 4.23 -14.57
C LYS F 81 -5.44 4.37 -14.58
N VAL F 82 -5.84 5.61 -14.87
CA VAL F 82 -7.27 5.91 -14.97
C VAL F 82 -7.73 5.73 -16.42
N GLU F 83 -8.77 4.92 -16.51
CA GLU F 83 -9.31 4.52 -17.79
C GLU F 83 -10.28 5.61 -18.30
N LYS F 84 -11.49 5.52 -17.85
CA LYS F 84 -12.70 6.25 -18.14
C LYS F 84 -13.36 6.81 -16.85
N LEU F 85 -13.71 8.08 -16.89
CA LEU F 85 -14.47 8.77 -15.83
C LEU F 85 -15.86 9.13 -16.40
N CYS F 86 -16.90 8.96 -15.62
CA CYS F 86 -18.28 9.40 -16.04
C CYS F 86 -18.53 10.70 -15.26
N THR F 87 -18.57 11.82 -15.98
CA THR F 87 -18.71 13.13 -15.33
C THR F 87 -20.06 13.80 -15.54
N TRP F 88 -20.53 14.39 -14.45
CA TRP F 88 -21.76 15.24 -14.49
C TRP F 88 -21.23 16.62 -15.03
N ASN F 89 -21.48 16.93 -16.27
CA ASN F 89 -20.93 18.12 -16.91
C ASN F 89 -21.76 19.39 -16.86
N ASN F 90 -22.78 19.41 -16.01
CA ASN F 90 -23.55 20.68 -15.89
C ASN F 90 -22.77 21.54 -14.92
N LYS F 91 -21.53 21.07 -14.60
CA LYS F 91 -20.67 21.76 -13.62
C LYS F 91 -19.33 22.17 -14.18
N THR F 92 -18.60 22.94 -13.37
CA THR F 92 -17.30 23.46 -13.69
C THR F 92 -16.55 23.63 -12.34
N PRO F 93 -15.50 22.88 -12.14
CA PRO F 93 -14.94 21.83 -13.01
C PRO F 93 -15.93 20.64 -12.98
N HIS F 94 -16.01 19.93 -14.07
CA HIS F 94 -16.86 18.73 -14.17
C HIS F 94 -16.73 17.94 -12.86
N ALA F 95 -17.83 17.36 -12.38
CA ALA F 95 -17.71 16.57 -11.15
C ALA F 95 -17.63 15.10 -11.48
N ILE F 96 -16.83 14.35 -10.74
CA ILE F 96 -16.81 12.89 -10.98
C ILE F 96 -18.06 12.17 -10.43
N ALA F 97 -18.62 11.28 -11.21
CA ALA F 97 -19.74 10.40 -10.89
C ALA F 97 -19.35 8.92 -10.75
N ALA F 98 -18.41 8.53 -11.57
CA ALA F 98 -17.93 7.17 -11.78
C ALA F 98 -16.47 7.17 -12.24
N ILE F 99 -15.75 6.17 -11.73
CA ILE F 99 -14.37 5.90 -12.11
C ILE F 99 -14.23 4.41 -12.43
N SER F 100 -13.43 4.22 -13.48
CA SER F 100 -13.10 2.85 -13.90
C SER F 100 -11.59 2.87 -14.23
N MET F 101 -10.99 2.00 -13.44
CA MET F 101 -9.56 1.69 -13.48
C MET F 101 -9.47 0.29 -14.13
N ALA F 102 -8.62 0.22 -15.11
CA ALA F 102 -8.31 -0.97 -15.87
C ALA F 102 -6.80 -1.02 -16.21
N ASN F 103 -6.51 -2.11 -16.88
CA ASN F 103 -5.13 -2.44 -17.30
C ASN F 103 -4.96 -3.93 -16.94
N THR G 1 -16.72 26.70 -10.05
CA THR G 1 -15.76 26.43 -8.96
C THR G 1 -14.33 26.68 -9.45
N PRO G 2 -13.44 26.80 -8.46
CA PRO G 2 -12.01 27.05 -8.66
C PRO G 2 -11.26 25.74 -8.98
N GLN G 3 -10.44 25.79 -10.01
CA GLN G 3 -9.68 24.70 -10.55
C GLN G 3 -8.21 24.62 -10.09
N ASN G 4 -7.80 25.34 -9.09
CA ASN G 4 -6.55 25.57 -8.43
C ASN G 4 -6.71 25.66 -6.86
N ILE G 5 -5.50 25.56 -6.31
CA ILE G 5 -5.22 25.79 -4.86
C ILE G 5 -4.93 27.29 -4.73
N THR G 6 -4.42 27.80 -5.87
CA THR G 6 -4.05 29.22 -5.94
C THR G 6 -5.34 30.05 -5.91
N ASP G 7 -6.19 29.80 -6.88
CA ASP G 7 -7.47 30.55 -6.98
C ASP G 7 -8.35 30.13 -5.78
N LEU G 8 -8.07 28.88 -5.33
CA LEU G 8 -8.81 28.36 -4.20
C LEU G 8 -8.38 29.02 -2.91
N CYS G 9 -7.05 29.23 -2.83
CA CYS G 9 -6.55 29.92 -1.61
C CYS G 9 -7.10 31.36 -1.61
N ALA G 10 -7.18 31.94 -2.79
CA ALA G 10 -7.63 33.29 -3.05
C ALA G 10 -9.00 33.62 -2.50
N GLU G 11 -9.88 32.66 -2.36
CA GLU G 11 -11.25 32.83 -1.90
C GLU G 11 -11.36 33.31 -0.46
N TYR G 12 -10.27 33.29 0.27
CA TYR G 12 -10.19 33.55 1.71
C TYR G 12 -9.37 34.76 2.03
N HIS G 13 -9.50 35.31 3.25
CA HIS G 13 -8.88 36.63 3.46
C HIS G 13 -7.70 36.72 4.34
N ASN G 14 -7.22 35.60 4.83
CA ASN G 14 -6.04 35.61 5.74
C ASN G 14 -5.29 34.30 5.53
N THR G 15 -5.01 34.04 4.28
CA THR G 15 -4.36 32.84 3.76
C THR G 15 -3.20 33.24 2.82
N GLN G 16 -2.23 32.37 2.70
CA GLN G 16 -1.16 32.58 1.70
C GLN G 16 -0.76 31.24 1.09
N ILE G 17 -0.21 31.30 -0.12
CA ILE G 17 0.23 30.12 -0.87
C ILE G 17 1.70 29.80 -0.62
N TYR G 18 2.03 28.53 -0.66
CA TYR G 18 3.37 28.04 -0.36
C TYR G 18 3.90 27.06 -1.39
N THR G 19 4.84 27.52 -2.21
CA THR G 19 5.50 26.65 -3.17
C THR G 19 6.77 26.09 -2.51
N LEU G 20 6.61 24.86 -2.08
CA LEU G 20 7.65 24.08 -1.43
C LEU G 20 8.25 23.15 -2.48
N ASN G 21 7.42 22.23 -2.97
CA ASN G 21 8.02 21.29 -3.98
C ASN G 21 9.18 20.57 -3.29
N ASP G 22 8.81 19.84 -2.26
CA ASP G 22 9.70 19.04 -1.42
C ASP G 22 8.77 18.05 -0.72
N LYS G 23 9.34 17.24 0.14
CA LYS G 23 8.61 16.15 0.83
C LYS G 23 8.74 16.43 2.31
N ILE G 24 7.70 16.09 3.06
CA ILE G 24 7.65 16.42 4.49
C ILE G 24 8.83 15.86 5.28
N PHE G 25 9.59 16.77 5.86
CA PHE G 25 10.79 16.36 6.63
C PHE G 25 10.39 15.55 7.84
N SER G 26 9.41 15.99 8.59
CA SER G 26 8.88 15.38 9.81
C SER G 26 7.35 15.46 9.80
N TYR G 27 6.78 14.73 10.72
CA TYR G 27 5.38 14.51 10.98
C TYR G 27 5.16 14.05 12.44
N THR G 28 4.45 14.87 13.15
CA THR G 28 4.05 14.67 14.56
C THR G 28 2.53 14.72 14.67
N GLU G 29 2.00 14.00 15.63
CA GLU G 29 0.58 13.89 15.91
C GLU G 29 0.39 13.58 17.41
N SER G 30 -0.31 14.50 18.06
CA SER G 30 -0.70 14.40 19.44
C SER G 30 -2.16 13.93 19.48
N LEU G 31 -2.42 13.22 20.57
CA LEU G 31 -3.78 12.63 20.75
C LEU G 31 -4.32 13.17 22.08
N ALA G 32 -3.45 13.93 22.70
CA ALA G 32 -3.59 14.58 23.97
C ALA G 32 -4.64 15.71 24.03
N GLY G 33 -5.81 15.33 24.51
CA GLY G 33 -6.98 16.11 24.80
C GLY G 33 -6.64 17.57 25.10
N LYS G 34 -7.18 18.38 24.20
CA LYS G 34 -6.95 19.82 24.16
C LYS G 34 -5.83 20.13 23.18
N ARG G 35 -5.25 19.08 22.59
CA ARG G 35 -4.24 19.26 21.55
C ARG G 35 -4.24 18.16 20.50
N GLU G 36 -5.39 17.71 20.06
CA GLU G 36 -5.49 16.65 19.04
C GLU G 36 -5.35 17.21 17.64
N MET G 37 -4.13 17.39 17.23
CA MET G 37 -3.74 17.98 15.95
C MET G 37 -2.53 17.21 15.37
N ALA G 38 -1.85 17.93 14.48
CA ALA G 38 -0.68 17.48 13.79
C ALA G 38 0.07 18.69 13.21
N ILE G 39 1.35 18.61 13.44
CA ILE G 39 2.31 19.61 12.86
C ILE G 39 3.21 18.78 11.94
N ILE G 40 3.71 19.35 10.89
CA ILE G 40 4.55 18.77 9.88
C ILE G 40 5.52 19.91 9.50
N THR G 41 6.73 19.51 9.20
CA THR G 41 7.75 20.50 8.85
C THR G 41 8.45 20.09 7.57
N PHE G 42 9.18 21.09 7.09
CA PHE G 42 10.03 20.95 5.89
C PHE G 42 11.47 21.22 6.28
N LYS G 43 12.36 20.55 5.53
CA LYS G 43 13.79 20.72 5.75
C LYS G 43 14.19 22.17 5.59
N ASN G 44 13.50 22.88 4.69
CA ASN G 44 13.85 24.31 4.49
C ASN G 44 13.81 25.00 5.86
N GLY G 45 12.89 24.51 6.70
CA GLY G 45 12.72 25.09 8.04
C GLY G 45 11.26 25.32 8.39
N ALA G 46 10.41 25.25 7.38
CA ALA G 46 8.99 25.45 7.46
C ALA G 46 8.19 24.53 8.36
N ILE G 47 7.20 25.14 9.05
CA ILE G 47 6.27 24.47 9.93
C ILE G 47 4.81 24.82 9.57
N PHE G 48 3.96 23.88 9.86
CA PHE G 48 2.51 23.98 9.68
C PHE G 48 1.79 22.97 10.59
N GLN G 49 0.53 23.32 10.84
CA GLN G 49 -0.35 22.54 11.69
C GLN G 49 -1.64 22.20 10.96
N VAL G 50 -2.30 21.26 11.61
CA VAL G 50 -3.65 20.79 11.28
C VAL G 50 -4.38 20.94 12.64
N GLU G 51 -5.12 22.03 12.68
CA GLU G 51 -5.80 22.54 13.84
C GLU G 51 -6.69 21.48 14.49
N VAL G 52 -6.64 21.57 15.79
CA VAL G 52 -7.53 20.82 16.73
C VAL G 52 -8.90 21.49 16.51
N PRO G 53 -9.82 20.64 16.05
CA PRO G 53 -11.16 21.12 15.66
C PRO G 53 -11.72 22.02 16.75
N SER G 54 -12.64 22.78 16.57
CA SER G 54 -13.91 23.52 16.43
C SER G 54 -13.80 24.94 16.97
N SER G 55 -15.11 25.55 16.89
CA SER G 55 -16.29 26.42 16.96
C SER G 55 -16.43 27.15 15.62
N GLN G 56 -15.28 27.58 15.01
CA GLN G 56 -14.93 28.30 13.76
C GLN G 56 -14.92 27.29 12.60
N HIS G 57 -14.67 25.96 12.98
CA HIS G 57 -14.84 24.89 12.01
C HIS G 57 -16.24 24.39 11.74
N ILE G 58 -16.97 25.06 10.84
CA ILE G 58 -18.31 24.55 10.56
C ILE G 58 -18.29 23.01 10.49
N ASP G 59 -19.31 22.51 11.16
CA ASP G 59 -19.65 21.11 11.29
C ASP G 59 -19.20 20.25 10.12
N SER G 60 -19.11 20.88 8.98
CA SER G 60 -18.80 20.23 7.70
C SER G 60 -17.34 19.82 7.54
N GLN G 61 -16.46 20.77 7.86
CA GLN G 61 -15.03 20.61 7.74
C GLN G 61 -14.39 19.77 8.85
N LYS G 62 -15.21 19.20 9.72
CA LYS G 62 -14.64 18.30 10.76
C LYS G 62 -14.13 17.06 10.00
N LYS G 63 -15.02 16.50 9.20
CA LYS G 63 -14.72 15.36 8.37
C LYS G 63 -13.53 15.64 7.46
N ALA G 64 -13.37 16.91 7.15
CA ALA G 64 -12.32 17.38 6.26
C ALA G 64 -11.01 17.49 7.04
N ILE G 65 -11.14 17.92 8.29
CA ILE G 65 -9.93 18.07 9.10
C ILE G 65 -9.21 16.72 9.10
N GLU G 66 -9.95 15.71 9.48
CA GLU G 66 -9.59 14.34 9.60
C GLU G 66 -9.02 13.73 8.33
N ARG G 67 -9.65 14.03 7.19
CA ARG G 67 -9.17 13.54 5.89
C ARG G 67 -7.67 13.85 5.73
N MET G 68 -7.41 15.12 5.85
CA MET G 68 -6.12 15.78 5.68
C MET G 68 -5.10 15.37 6.71
N LYS G 69 -5.45 14.83 7.84
CA LYS G 69 -4.46 14.35 8.83
C LYS G 69 -3.88 12.99 8.34
N ASP G 70 -4.71 12.26 7.59
CA ASP G 70 -4.47 11.02 6.88
C ASP G 70 -3.64 11.30 5.58
N THR G 71 -3.85 12.51 5.11
CA THR G 71 -3.17 12.94 3.88
C THR G 71 -1.75 13.36 4.22
N LEU G 72 -1.63 13.94 5.40
CA LEU G 72 -0.33 14.39 5.90
C LEU G 72 0.57 13.22 6.23
N ARG G 73 0.03 12.17 6.81
CA ARG G 73 0.77 10.98 7.21
C ARG G 73 1.24 10.17 6.01
N ILE G 74 0.32 9.76 5.16
CA ILE G 74 0.60 8.98 3.97
C ILE G 74 1.52 9.71 3.02
N ALA G 75 1.50 11.06 3.00
CA ALA G 75 2.47 11.79 2.18
C ALA G 75 3.89 11.69 2.74
N TYR G 76 3.98 11.73 4.05
CA TYR G 76 5.25 11.63 4.79
C TYR G 76 5.96 10.32 4.40
N LEU G 77 5.24 9.26 4.70
CA LEU G 77 5.59 7.87 4.59
C LEU G 77 5.99 7.36 3.21
N THR G 78 5.13 7.69 2.29
CA THR G 78 5.11 7.28 0.89
C THR G 78 6.13 8.07 0.06
N GLU G 79 6.75 9.01 0.71
CA GLU G 79 7.70 9.99 0.33
C GLU G 79 7.25 11.22 -0.42
N ALA G 80 6.03 11.59 -0.09
CA ALA G 80 5.33 12.80 -0.40
C ALA G 80 5.54 13.32 -1.81
N LYS G 81 5.74 14.60 -1.82
CA LYS G 81 5.96 15.51 -2.92
C LYS G 81 4.68 16.37 -2.99
N VAL G 82 4.70 17.38 -2.15
CA VAL G 82 3.64 18.38 -2.08
C VAL G 82 4.21 19.60 -2.84
N GLU G 83 3.33 20.21 -3.58
CA GLU G 83 3.64 21.37 -4.47
C GLU G 83 3.53 22.65 -3.67
N LYS G 84 2.30 22.85 -3.20
CA LYS G 84 1.97 23.99 -2.35
C LYS G 84 0.91 23.57 -1.34
N LEU G 85 0.94 24.40 -0.32
CA LEU G 85 -0.03 24.45 0.75
C LEU G 85 -0.67 25.88 0.59
N CYS G 86 -1.83 25.89 1.18
CA CYS G 86 -2.68 27.08 1.38
C CYS G 86 -2.88 27.21 2.91
N THR G 87 -2.10 28.14 3.43
CA THR G 87 -2.06 28.42 4.86
C THR G 87 -2.74 29.76 5.21
N TRP G 88 -3.27 29.70 6.42
CA TRP G 88 -3.83 30.80 7.19
C TRP G 88 -2.67 31.37 8.06
N ASN G 89 -2.44 32.64 7.85
CA ASN G 89 -1.40 33.46 8.43
C ASN G 89 -1.80 34.13 9.75
N ASN G 90 -3.01 33.84 10.15
CA ASN G 90 -3.51 34.35 11.45
C ASN G 90 -2.69 33.63 12.54
N LYS G 91 -2.21 32.43 12.18
CA LYS G 91 -1.50 31.59 13.10
C LYS G 91 -0.09 31.20 12.65
N THR G 92 0.58 30.89 13.73
CA THR G 92 1.98 30.46 13.86
C THR G 92 1.99 29.28 14.85
N PRO G 93 2.16 28.08 14.31
CA PRO G 93 2.43 27.87 12.88
C PRO G 93 1.18 28.07 12.06
N HIS G 94 1.37 28.73 10.93
CA HIS G 94 0.31 28.85 9.91
C HIS G 94 -0.41 27.49 9.87
N ALA G 95 -1.71 27.54 9.71
CA ALA G 95 -2.53 26.34 9.55
C ALA G 95 -2.72 26.03 8.07
N ILE G 96 -2.82 24.74 7.78
CA ILE G 96 -3.05 24.23 6.44
C ILE G 96 -4.55 24.27 6.16
N ALA G 97 -4.88 24.68 4.94
CA ALA G 97 -6.29 24.77 4.54
C ALA G 97 -6.55 24.00 3.25
N ALA G 98 -5.52 23.62 2.57
CA ALA G 98 -5.57 22.87 1.30
C ALA G 98 -4.14 22.51 0.86
N ILE G 99 -4.07 21.60 -0.09
CA ILE G 99 -2.79 21.07 -0.59
C ILE G 99 -2.94 20.54 -2.03
N SER G 100 -1.85 20.66 -2.73
CA SER G 100 -1.59 20.15 -4.07
C SER G 100 -0.49 19.06 -3.92
N MET G 101 -0.51 18.14 -4.86
CA MET G 101 0.44 17.01 -4.96
C MET G 101 0.80 16.83 -6.43
N ALA G 102 2.06 17.10 -6.80
CA ALA G 102 2.48 17.01 -8.21
C ALA G 102 3.61 16.04 -8.52
N ASN G 103 3.23 14.97 -9.18
CA ASN G 103 4.03 13.84 -9.67
C ASN G 103 3.17 13.30 -10.88
#